data_9BFO
#
_entry.id   9BFO
#
_cell.length_a   66.962
_cell.length_b   106.896
_cell.length_c   110.477
_cell.angle_alpha   90.000
_cell.angle_beta   90.000
_cell.angle_gamma   90.000
#
_symmetry.space_group_name_H-M   'P 21 21 21'
#
loop_
_entity.id
_entity.type
_entity.pdbx_description
1 polymer 'Branched-chain-amino-acid aminotransferase, cytosolic'
2 water water
#
_entity_poly.entity_id   1
_entity_poly.type   'polypeptide(L)'
_entity_poly.pdbx_seq_one_letter_code
;VVGTFKAKDLIVTPAEILKEKPDPNNLVFGTVFTDHMLTVEWSSEFGWEKPHIKPLQNLSLHPGSSALHYAVELFEGLKA
FRGVDNKIRLFQPNLNMDRMYRSAVRATLPVFDKEELLECIQQLVKLDQEWVPYSTSASLYIRPTFIGTEPSLGVKKPTK
ALLFVLLSPVGPYFSSGTFNPVSLWANPKYVRAWKGGTGDC(LLP)MGGNYGSSLFAQCEAVDNGCQQVLWLYGEDHQIT
EVGTMNLFLYWINEDGEEELATPPLDGIILPGVTRRCILDLAHQWGEFKVSERYLTMDDLTTALEGNRVREMFGSGTACV
VCPVSDILYKGETIHIPTMENGPKLASRILSKLTDIQYGREERDWTIVL
;
_entity_poly.pdbx_strand_id   A,B
#
# COMPACT_ATOMS: atom_id res chain seq x y z
N VAL A 2 20.89 13.10 9.51
CA VAL A 2 19.51 13.67 9.65
C VAL A 2 19.60 15.20 9.65
N GLY A 3 18.51 15.83 9.22
CA GLY A 3 18.28 17.25 9.50
C GLY A 3 16.78 17.53 9.42
N THR A 4 16.44 18.80 9.19
CA THR A 4 15.04 19.17 9.12
C THR A 4 14.92 20.49 8.37
N PHE A 5 13.79 20.67 7.69
CA PHE A 5 13.41 21.98 7.19
C PHE A 5 13.05 22.82 8.41
N LYS A 6 13.13 24.14 8.29
CA LYS A 6 12.88 25.01 9.44
C LYS A 6 11.80 26.01 9.07
N ALA A 7 10.82 26.20 9.96
CA ALA A 7 9.69 27.09 9.68
C ALA A 7 10.14 28.53 9.41
N LYS A 8 11.19 28.98 10.11
CA LYS A 8 11.72 30.33 9.92
C LYS A 8 12.20 30.53 8.47
N ASP A 9 12.25 29.44 7.67
CA ASP A 9 12.71 29.52 6.30
C ASP A 9 11.58 29.50 5.28
N LEU A 10 10.34 29.34 5.74
CA LEU A 10 9.20 29.29 4.85
C LEU A 10 9.32 30.32 3.73
N ILE A 11 9.08 29.90 2.48
CA ILE A 11 8.88 30.79 1.36
C ILE A 11 7.40 30.74 1.05
N VAL A 12 6.78 31.92 0.93
CA VAL A 12 5.33 32.03 0.80
C VAL A 12 5.04 32.71 -0.54
N THR A 13 4.13 32.14 -1.30
CA THR A 13 3.81 32.63 -2.64
C THR A 13 2.30 32.66 -2.80
N PRO A 14 1.62 33.74 -2.35
CA PRO A 14 0.16 33.76 -2.36
C PRO A 14 -0.48 33.62 -3.74
N ALA A 15 -1.64 32.95 -3.79
CA ALA A 15 -2.47 32.90 -4.98
C ALA A 15 -2.91 34.30 -5.38
N GLU A 16 -2.94 34.56 -6.69
CA GLU A 16 -3.47 35.81 -7.23
C GLU A 16 -4.99 35.83 -7.07
N ILE A 17 -5.65 34.80 -7.63
CA ILE A 17 -7.09 34.66 -7.65
C ILE A 17 -7.52 33.68 -6.55
N LEU A 18 -8.12 34.21 -5.47
CA LEU A 18 -8.59 33.42 -4.34
C LEU A 18 -9.96 32.86 -4.68
N LYS A 19 -10.28 31.65 -4.20
CA LYS A 19 -11.52 30.97 -4.55
C LYS A 19 -12.62 31.32 -3.55
N GLU A 20 -13.88 31.26 -4.02
CA GLU A 20 -15.05 31.48 -3.18
C GLU A 20 -15.17 30.31 -2.22
N LYS A 21 -15.39 30.61 -0.94
CA LYS A 21 -15.57 29.57 0.08
C LYS A 21 -16.91 28.88 -0.10
N PRO A 22 -17.07 27.61 0.32
CA PRO A 22 -18.33 26.91 0.13
C PRO A 22 -19.30 27.16 1.28
N ASP A 23 -20.51 26.64 1.15
CA ASP A 23 -21.49 26.73 2.22
C ASP A 23 -21.12 25.72 3.31
N PRO A 24 -20.96 26.14 4.59
CA PRO A 24 -20.66 25.21 5.68
C PRO A 24 -21.65 24.05 5.81
N ASN A 25 -22.93 24.29 5.46
CA ASN A 25 -24.02 23.38 5.77
C ASN A 25 -24.26 22.37 4.63
N ASN A 26 -23.54 22.49 3.50
CA ASN A 26 -23.59 21.45 2.46
C ASN A 26 -22.17 21.13 1.98
N LEU A 27 -21.43 20.36 2.79
CA LEU A 27 -20.03 20.07 2.52
C LEU A 27 -19.81 18.57 2.59
N VAL A 28 -19.24 18.00 1.53
CA VAL A 28 -18.86 16.60 1.55
C VAL A 28 -17.37 16.50 1.89
N PHE A 29 -17.05 15.53 2.76
CA PHE A 29 -15.70 15.33 3.26
C PHE A 29 -14.71 15.21 2.09
N GLY A 30 -13.62 15.97 2.16
CA GLY A 30 -12.42 15.74 1.36
C GLY A 30 -12.57 16.17 -0.10
N THR A 31 -13.59 16.97 -0.38
CA THR A 31 -14.04 17.29 -1.71
C THR A 31 -13.57 18.68 -2.10
N VAL A 32 -13.61 19.64 -1.17
CA VAL A 32 -13.22 21.00 -1.51
C VAL A 32 -11.87 21.30 -0.86
N PHE A 33 -10.96 21.92 -1.60
CA PHE A 33 -9.65 22.30 -1.08
C PHE A 33 -9.52 23.81 -1.00
N THR A 34 -8.62 24.29 -0.14
CA THR A 34 -8.40 25.72 0.01
C THR A 34 -7.45 26.25 -1.06
N ASP A 35 -7.02 27.51 -0.88
CA ASP A 35 -6.27 28.24 -1.89
C ASP A 35 -4.80 27.83 -1.95
N HIS A 36 -4.22 27.40 -0.82
CA HIS A 36 -2.79 27.21 -0.65
C HIS A 36 -2.48 25.81 -0.13
N MET A 37 -1.20 25.41 -0.28
CA MET A 37 -0.66 24.14 0.24
C MET A 37 0.79 24.37 0.68
N LEU A 38 1.23 23.50 1.61
CA LEU A 38 2.62 23.35 2.04
C LEU A 38 3.30 22.27 1.19
N THR A 39 4.48 22.56 0.61
CA THR A 39 5.34 21.52 0.06
C THR A 39 6.76 21.66 0.62
N VAL A 40 7.37 20.52 0.94
CA VAL A 40 8.79 20.44 1.27
C VAL A 40 9.44 19.24 0.58
N GLU A 41 10.50 19.53 -0.21
CA GLU A 41 11.30 18.54 -0.91
C GLU A 41 12.47 18.04 -0.06
N TRP A 42 12.76 16.73 -0.20
CA TRP A 42 13.92 16.07 0.38
C TRP A 42 14.72 15.21 -0.64
N SER A 43 16.04 15.18 -0.46
CA SER A 43 16.92 14.30 -1.20
C SER A 43 18.00 13.82 -0.25
N SER A 44 18.48 12.61 -0.49
CA SER A 44 19.54 12.07 0.35
C SER A 44 20.82 12.87 0.10
N GLU A 45 20.97 13.40 -1.11
CA GLU A 45 22.16 14.16 -1.48
C GLU A 45 22.21 15.48 -0.72
N PHE A 46 21.13 16.27 -0.73
CA PHE A 46 21.17 17.63 -0.20
C PHE A 46 20.34 17.77 1.07
N GLY A 47 19.64 16.72 1.48
CA GLY A 47 18.70 16.78 2.60
C GLY A 47 17.42 17.56 2.27
N TRP A 48 16.81 18.10 3.33
CA TRP A 48 15.58 18.89 3.32
C TRP A 48 15.76 20.27 2.70
N GLU A 49 14.95 20.56 1.67
CA GLU A 49 14.92 21.89 1.10
C GLU A 49 14.18 22.82 2.06
N LYS A 50 14.11 24.10 1.67
CA LYS A 50 13.26 25.06 2.35
C LYS A 50 11.79 24.77 2.08
N PRO A 51 10.92 24.91 3.09
CA PRO A 51 9.47 24.72 2.92
C PRO A 51 8.80 25.88 2.20
N HIS A 52 7.86 25.56 1.31
CA HIS A 52 7.08 26.53 0.58
C HIS A 52 5.62 26.42 1.01
N ILE A 53 4.96 27.59 1.14
CA ILE A 53 3.51 27.71 1.08
C ILE A 53 3.19 28.38 -0.25
N LYS A 54 2.42 27.71 -1.10
CA LYS A 54 2.22 28.23 -2.44
C LYS A 54 0.83 27.83 -2.89
N PRO A 55 0.33 28.34 -4.04
CA PRO A 55 -1.03 28.04 -4.50
C PRO A 55 -1.21 26.55 -4.68
N LEU A 56 -2.40 26.08 -4.32
CA LEU A 56 -2.77 24.69 -4.47
C LEU A 56 -2.59 24.36 -5.94
N GLN A 57 -1.83 23.30 -6.25
CA GLN A 57 -1.56 22.94 -7.63
C GLN A 57 -1.24 21.45 -7.73
N ASN A 58 -1.25 20.93 -8.96
CA ASN A 58 -0.92 19.52 -9.18
C ASN A 58 0.55 19.29 -8.86
N LEU A 59 0.86 18.08 -8.41
CA LEU A 59 2.22 17.63 -8.20
C LEU A 59 2.84 17.19 -9.53
N SER A 60 4.11 17.50 -9.72
CA SER A 60 4.86 17.02 -10.89
C SER A 60 5.78 15.90 -10.44
N LEU A 61 5.44 14.64 -10.76
CA LEU A 61 6.13 13.48 -10.24
C LEU A 61 6.68 12.63 -11.39
N HIS A 62 7.90 12.10 -11.19
CA HIS A 62 8.51 11.23 -12.16
C HIS A 62 7.63 9.98 -12.14
N PRO A 63 7.26 9.42 -13.29
CA PRO A 63 6.33 8.27 -13.33
C PRO A 63 6.87 7.01 -12.67
N GLY A 64 8.18 6.96 -12.44
CA GLY A 64 8.82 5.92 -11.64
C GLY A 64 8.71 6.10 -10.11
N SER A 65 8.25 7.29 -9.62
CA SER A 65 8.10 7.57 -8.19
C SER A 65 7.62 6.36 -7.41
N SER A 66 8.28 6.10 -6.27
CA SER A 66 8.00 4.89 -5.52
C SER A 66 6.63 4.91 -4.84
N ALA A 67 6.05 6.10 -4.55
CA ALA A 67 4.70 6.21 -4.05
C ALA A 67 3.68 5.51 -4.96
N LEU A 68 3.95 5.54 -6.26
CA LEU A 68 3.03 5.09 -7.28
C LEU A 68 3.18 3.60 -7.53
N HIS A 69 4.36 3.02 -7.23
CA HIS A 69 4.67 1.62 -7.55
C HIS A 69 4.60 0.74 -6.32
N TYR A 70 5.17 1.23 -5.21
CA TYR A 70 5.37 0.41 -4.02
C TYR A 70 4.77 1.06 -2.78
N ALA A 71 3.90 2.06 -2.94
CA ALA A 71 3.09 2.61 -1.85
C ALA A 71 4.02 3.13 -0.72
N VAL A 72 5.12 3.76 -1.14
CA VAL A 72 6.01 4.42 -0.21
C VAL A 72 5.38 5.77 0.14
N GLU A 73 4.52 5.72 1.16
CA GLU A 73 3.63 6.83 1.42
C GLU A 73 2.97 6.68 2.79
N LEU A 74 2.65 7.82 3.37
CA LEU A 74 1.91 7.85 4.60
C LEU A 74 1.17 9.18 4.70
N PHE A 75 0.16 9.19 5.57
CA PHE A 75 -0.60 10.41 5.79
C PHE A 75 -0.99 10.59 7.26
N GLU A 76 -1.52 11.78 7.50
CA GLU A 76 -2.20 12.09 8.75
C GLU A 76 -3.52 12.80 8.48
N GLY A 77 -4.28 12.96 9.58
CA GLY A 77 -5.55 13.67 9.55
C GLY A 77 -5.81 14.36 10.89
N LEU A 78 -5.91 15.69 10.85
CA LEU A 78 -6.29 16.48 12.02
C LEU A 78 -7.12 17.68 11.56
N LYS A 79 -7.62 18.47 12.54
CA LYS A 79 -8.61 19.51 12.26
C LYS A 79 -8.35 20.82 13.00
N ALA A 80 -8.74 21.90 12.34
CA ALA A 80 -8.82 23.23 12.94
C ALA A 80 -10.29 23.56 13.19
N PHE A 81 -10.56 24.23 14.32
CA PHE A 81 -11.89 24.65 14.75
C PHE A 81 -11.93 26.16 14.99
N ARG A 82 -12.92 26.85 14.37
CA ARG A 82 -13.19 28.26 14.66
C ARG A 82 -14.06 28.30 15.90
N GLY A 83 -13.49 28.75 17.02
CA GLY A 83 -14.14 28.63 18.32
C GLY A 83 -15.28 29.63 18.52
N VAL A 84 -16.08 29.38 19.55
CA VAL A 84 -17.17 30.27 19.91
C VAL A 84 -16.69 31.73 20.04
N ASP A 85 -15.40 31.92 20.35
CA ASP A 85 -14.77 33.21 20.48
C ASP A 85 -14.05 33.66 19.21
N ASN A 86 -14.37 33.03 18.07
CA ASN A 86 -13.72 33.31 16.81
C ASN A 86 -12.21 33.05 16.87
N LYS A 87 -11.73 32.32 17.88
CA LYS A 87 -10.33 31.88 17.90
C LYS A 87 -10.24 30.50 17.22
N ILE A 88 -9.16 30.32 16.43
CA ILE A 88 -8.93 29.08 15.68
C ILE A 88 -8.04 28.18 16.51
N ARG A 89 -8.52 26.96 16.76
CA ARG A 89 -7.79 26.05 17.60
C ARG A 89 -7.40 24.84 16.76
N LEU A 90 -6.23 24.26 17.04
CA LEU A 90 -5.91 22.89 16.69
C LEU A 90 -6.21 22.02 17.89
N PHE A 91 -6.46 20.75 17.63
CA PHE A 91 -6.71 19.78 18.70
C PHE A 91 -5.63 18.70 18.71
N GLN A 92 -4.95 18.55 19.85
CA GLN A 92 -4.01 17.45 20.07
C GLN A 92 -3.04 17.30 18.88
N PRO A 93 -2.57 18.39 18.24
CA PRO A 93 -1.81 18.22 17.00
C PRO A 93 -0.44 17.54 17.24
N ASN A 94 0.09 17.63 18.47
CA ASN A 94 1.37 17.05 18.79
C ASN A 94 1.31 15.54 18.70
N LEU A 95 0.15 14.96 18.99
CA LEU A 95 -0.02 13.52 18.91
C LEU A 95 0.00 13.09 17.44
N ASN A 96 -0.50 13.92 16.52
CA ASN A 96 -0.39 13.61 15.10
C ASN A 96 1.05 13.71 14.57
N MET A 97 1.81 14.67 15.07
CA MET A 97 3.20 14.80 14.67
C MET A 97 3.98 13.58 15.15
N ASP A 98 3.68 13.12 16.38
CA ASP A 98 4.33 11.93 16.91
C ASP A 98 4.01 10.71 16.04
N ARG A 99 2.75 10.63 15.59
CA ARG A 99 2.35 9.46 14.85
C ARG A 99 2.99 9.49 13.45
N MET A 100 3.06 10.68 12.85
CA MET A 100 3.54 10.83 11.49
C MET A 100 5.04 10.56 11.45
N TYR A 101 5.74 10.96 12.52
CA TYR A 101 7.14 10.62 12.67
C TYR A 101 7.37 9.09 12.73
N ARG A 102 6.63 8.38 13.58
CA ARG A 102 6.77 6.94 13.75
C ARG A 102 6.43 6.23 12.41
N SER A 103 5.45 6.77 11.67
CA SER A 103 5.10 6.22 10.37
C SER A 103 6.26 6.40 9.38
N ALA A 104 6.93 7.56 9.39
CA ALA A 104 8.00 7.85 8.46
C ALA A 104 9.15 6.84 8.65
N VAL A 105 9.52 6.62 9.91
CA VAL A 105 10.53 5.66 10.29
C VAL A 105 10.17 4.28 9.74
N ARG A 106 8.91 3.87 9.95
CA ARG A 106 8.51 2.52 9.56
C ARG A 106 8.37 2.41 8.02
N ALA A 107 8.13 3.54 7.33
CA ALA A 107 8.08 3.58 5.87
C ALA A 107 9.47 3.71 5.20
N THR A 108 10.52 4.01 5.99
CA THR A 108 11.87 4.39 5.59
C THR A 108 11.91 5.73 4.88
N LEU A 109 10.90 6.58 5.09
CA LEU A 109 10.99 7.96 4.63
C LEU A 109 11.82 8.77 5.62
N PRO A 110 12.43 9.89 5.20
CA PRO A 110 13.26 10.68 6.10
C PRO A 110 12.56 11.40 7.24
N VAL A 111 13.24 11.44 8.39
CA VAL A 111 12.72 12.10 9.56
C VAL A 111 12.87 13.61 9.42
N PHE A 112 12.13 14.34 10.28
CA PHE A 112 11.99 15.77 10.23
C PHE A 112 11.79 16.18 11.69
N ASP A 113 11.88 17.48 11.99
CA ASP A 113 11.56 17.95 13.34
C ASP A 113 10.05 18.19 13.48
N LYS A 114 9.43 17.53 14.44
CA LYS A 114 7.99 17.63 14.59
C LYS A 114 7.53 19.06 14.86
N GLU A 115 8.30 19.79 15.67
CA GLU A 115 7.97 21.16 15.99
C GLU A 115 7.98 22.03 14.75
N GLU A 116 8.98 21.86 13.87
CA GLU A 116 9.04 22.63 12.65
C GLU A 116 7.84 22.34 11.74
N LEU A 117 7.46 21.05 11.63
CA LEU A 117 6.33 20.72 10.77
C LEU A 117 5.08 21.45 11.28
N LEU A 118 4.78 21.23 12.57
CA LEU A 118 3.63 21.81 13.23
C LEU A 118 3.61 23.32 13.04
N GLU A 119 4.76 23.98 13.08
CA GLU A 119 4.78 25.43 12.94
C GLU A 119 4.59 25.83 11.47
N CYS A 120 5.06 24.99 10.51
CA CYS A 120 4.68 25.21 9.12
C CYS A 120 3.17 25.03 8.92
N ILE A 121 2.56 24.03 9.57
CA ILE A 121 1.14 23.77 9.39
C ILE A 121 0.34 24.97 9.91
N GLN A 122 0.80 25.56 11.01
CA GLN A 122 0.12 26.72 11.58
C GLN A 122 0.20 27.93 10.66
N GLN A 123 1.32 28.12 9.96
CA GLN A 123 1.43 29.22 9.01
C GLN A 123 0.51 28.99 7.81
N LEU A 124 0.27 27.73 7.45
CA LEU A 124 -0.57 27.41 6.30
C LEU A 124 -2.02 27.75 6.65
N VAL A 125 -2.46 27.21 7.79
CA VAL A 125 -3.80 27.48 8.26
C VAL A 125 -4.01 28.99 8.48
N LYS A 126 -3.00 29.71 9.00
CA LYS A 126 -3.16 31.15 9.26
C LYS A 126 -3.40 31.90 7.94
N LEU A 127 -2.72 31.47 6.87
CA LEU A 127 -2.85 32.14 5.58
C LEU A 127 -4.28 31.93 5.07
N ASP A 128 -4.77 30.68 5.17
CA ASP A 128 -6.10 30.32 4.71
C ASP A 128 -7.12 30.24 5.86
N GLN A 129 -7.02 31.09 6.88
CA GLN A 129 -7.85 30.94 8.08
C GLN A 129 -9.32 31.20 7.80
N GLU A 130 -9.62 32.02 6.76
CA GLU A 130 -10.99 32.30 6.36
C GLU A 130 -11.71 31.07 5.81
N TRP A 131 -10.98 30.01 5.40
CA TRP A 131 -11.59 28.75 5.01
C TRP A 131 -12.04 27.94 6.22
N VAL A 132 -11.53 28.24 7.41
CA VAL A 132 -11.94 27.53 8.62
C VAL A 132 -13.40 27.93 8.85
N PRO A 133 -14.37 26.99 8.76
CA PRO A 133 -15.78 27.35 8.75
C PRO A 133 -16.26 28.24 9.90
N TYR A 134 -17.07 29.25 9.54
CA TYR A 134 -17.92 30.00 10.47
C TYR A 134 -19.17 29.16 10.77
N SER A 135 -18.99 28.22 11.69
CA SER A 135 -20.02 27.27 12.01
C SER A 135 -19.48 26.41 13.12
N THR A 136 -20.37 25.92 13.96
CA THR A 136 -20.05 25.18 15.16
C THR A 136 -20.22 23.68 14.90
N SER A 137 -20.52 23.29 13.66
CA SER A 137 -20.60 21.87 13.31
C SER A 137 -19.76 21.55 12.06
N ALA A 138 -18.82 22.44 11.74
CA ALA A 138 -17.90 22.25 10.63
C ALA A 138 -16.49 22.58 11.10
N SER A 139 -15.51 22.09 10.32
CA SER A 139 -14.10 22.31 10.61
C SER A 139 -13.28 22.30 9.30
N LEU A 140 -11.99 22.56 9.49
CA LEU A 140 -11.01 22.47 8.43
C LEU A 140 -10.14 21.24 8.68
N TYR A 141 -10.30 20.25 7.79
CA TYR A 141 -9.49 19.03 7.80
C TYR A 141 -8.11 19.32 7.24
N ILE A 142 -7.09 18.85 7.97
CA ILE A 142 -5.69 19.02 7.60
C ILE A 142 -5.09 17.66 7.26
N ARG A 143 -4.47 17.55 6.06
CA ARG A 143 -4.02 16.28 5.51
C ARG A 143 -2.54 16.40 5.16
N PRO A 144 -1.63 16.20 6.15
CA PRO A 144 -0.20 16.08 5.87
C PRO A 144 -0.05 14.73 5.15
N THR A 145 0.78 14.74 4.12
CA THR A 145 0.99 13.56 3.30
C THR A 145 2.49 13.52 3.01
N PHE A 146 3.06 12.31 2.93
CA PHE A 146 4.49 12.15 2.70
C PHE A 146 4.74 10.95 1.77
N ILE A 147 5.41 11.21 0.66
CA ILE A 147 5.51 10.22 -0.40
C ILE A 147 6.95 10.08 -0.86
N GLY A 148 7.35 8.83 -1.21
CA GLY A 148 8.60 8.63 -1.93
C GLY A 148 8.46 9.03 -3.39
N THR A 149 9.44 9.78 -3.90
CA THR A 149 9.48 10.26 -5.27
C THR A 149 10.76 9.81 -5.96
N GLU A 150 11.39 8.76 -5.40
CA GLU A 150 12.49 8.03 -6.00
C GLU A 150 12.17 7.63 -7.44
N PRO A 151 12.89 8.13 -8.47
CA PRO A 151 12.60 7.77 -9.86
C PRO A 151 13.25 6.50 -10.36
N SER A 152 13.23 5.44 -9.59
CA SER A 152 13.78 4.20 -10.08
C SER A 152 12.92 3.07 -9.56
N LEU A 153 12.81 2.01 -10.37
CA LEU A 153 11.92 0.90 -10.07
C LEU A 153 12.48 -0.11 -9.05
N GLY A 154 13.74 -0.03 -8.63
CA GLY A 154 14.11 -0.89 -7.51
C GLY A 154 13.19 -0.70 -6.28
N VAL A 155 12.75 -1.79 -5.65
CA VAL A 155 12.15 -1.70 -4.32
C VAL A 155 13.26 -1.38 -3.33
N LYS A 156 13.26 -0.16 -2.78
CA LYS A 156 14.31 0.33 -1.90
C LYS A 156 13.93 1.62 -1.16
N LYS A 157 14.67 1.90 -0.11
CA LYS A 157 14.46 3.15 0.61
C LYS A 157 14.62 4.32 -0.34
N PRO A 158 13.70 5.28 -0.37
CA PRO A 158 13.80 6.36 -1.36
C PRO A 158 14.92 7.34 -1.03
N THR A 159 15.52 7.90 -2.09
CA THR A 159 16.57 8.92 -2.05
C THR A 159 15.98 10.27 -2.43
N LYS A 160 14.66 10.32 -2.65
CA LYS A 160 13.96 11.56 -2.89
C LYS A 160 12.54 11.42 -2.33
N ALA A 161 12.00 12.51 -1.78
CA ALA A 161 10.70 12.50 -1.13
C ALA A 161 10.12 13.91 -1.11
N LEU A 162 8.79 13.94 -0.92
CA LEU A 162 7.96 15.14 -0.89
C LEU A 162 6.99 15.04 0.29
N LEU A 163 7.03 16.03 1.17
CA LEU A 163 6.08 16.20 2.25
C LEU A 163 5.18 17.35 1.83
N PHE A 164 3.86 17.18 1.87
CA PHE A 164 2.96 18.26 1.49
C PHE A 164 1.77 18.27 2.42
N VAL A 165 1.12 19.44 2.53
CA VAL A 165 -0.08 19.51 3.38
C VAL A 165 -1.24 20.17 2.63
N LEU A 166 -2.40 19.49 2.65
CA LEU A 166 -3.63 19.98 2.04
C LEU A 166 -4.61 20.41 3.14
N LEU A 167 -5.45 21.41 2.81
CA LEU A 167 -6.58 21.87 3.62
C LEU A 167 -7.89 21.69 2.87
N SER A 168 -8.88 21.11 3.57
CA SER A 168 -10.20 20.83 3.06
C SER A 168 -11.27 21.12 4.13
N PRO A 169 -12.19 22.06 3.89
CA PRO A 169 -13.32 22.28 4.81
C PRO A 169 -14.29 21.11 4.79
N VAL A 170 -14.66 20.62 5.97
CA VAL A 170 -15.64 19.54 6.07
C VAL A 170 -16.73 19.90 7.09
N GLY A 171 -17.90 19.27 6.93
CA GLY A 171 -19.04 19.44 7.82
C GLY A 171 -19.28 18.16 8.62
N PRO A 172 -20.53 17.93 9.11
CA PRO A 172 -20.90 16.63 9.72
C PRO A 172 -20.99 15.44 8.78
N PHE A 179 -27.39 11.94 15.36
CA PHE A 179 -26.48 10.91 14.79
C PHE A 179 -27.22 10.18 13.68
N ASN A 180 -26.48 9.75 12.66
CA ASN A 180 -27.01 8.80 11.70
C ASN A 180 -26.28 7.47 11.95
N PRO A 181 -26.88 6.51 12.66
CA PRO A 181 -26.18 5.25 12.98
C PRO A 181 -25.75 4.51 11.71
N VAL A 182 -24.80 3.55 11.87
CA VAL A 182 -24.24 2.82 10.74
C VAL A 182 -24.49 1.33 10.90
N SER A 183 -24.64 0.71 9.75
CA SER A 183 -24.72 -0.73 9.63
C SER A 183 -23.36 -1.28 9.14
N LEU A 184 -22.94 -2.45 9.65
CA LEU A 184 -21.60 -2.95 9.40
C LEU A 184 -21.71 -4.28 8.71
N TRP A 185 -20.76 -4.52 7.80
CA TRP A 185 -20.57 -5.77 7.10
C TRP A 185 -19.39 -6.51 7.72
N ALA A 186 -19.62 -7.70 8.25
CA ALA A 186 -18.57 -8.47 8.89
C ALA A 186 -18.35 -9.77 8.14
N ASN A 187 -17.28 -9.80 7.33
CA ASN A 187 -16.94 -10.97 6.56
C ASN A 187 -15.51 -11.34 6.95
N PRO A 188 -15.27 -12.49 7.60
CA PRO A 188 -13.93 -12.81 8.08
C PRO A 188 -12.95 -13.21 6.96
N LYS A 189 -13.41 -13.27 5.70
CA LYS A 189 -12.54 -13.58 4.57
C LYS A 189 -11.55 -12.46 4.31
N TYR A 190 -11.81 -11.25 4.83
CA TYR A 190 -10.94 -10.09 4.63
C TYR A 190 -10.19 -9.79 5.93
N VAL A 191 -8.90 -9.47 5.83
CA VAL A 191 -8.17 -9.16 7.04
C VAL A 191 -7.43 -7.88 6.77
N ARG A 192 -7.68 -6.89 7.62
CA ARG A 192 -7.16 -5.57 7.43
C ARG A 192 -5.66 -5.55 7.75
N ALA A 193 -5.27 -6.29 8.80
CA ALA A 193 -3.91 -6.13 9.33
C ALA A 193 -3.50 -7.37 10.08
N TRP A 194 -2.20 -7.62 10.10
CA TRP A 194 -1.63 -8.83 10.66
C TRP A 194 -0.47 -8.47 11.59
N LYS A 195 -0.25 -9.29 12.62
CA LYS A 195 0.91 -9.16 13.49
C LYS A 195 2.16 -9.30 12.63
N GLY A 196 3.05 -8.32 12.77
CA GLY A 196 4.26 -8.22 11.96
C GLY A 196 4.04 -7.38 10.70
N GLY A 197 2.82 -6.83 10.51
CA GLY A 197 2.57 -5.90 9.42
C GLY A 197 2.55 -4.49 9.96
N THR A 198 1.86 -3.56 9.25
CA THR A 198 2.02 -2.13 9.46
C THR A 198 0.69 -1.47 9.89
N GLY A 199 -0.25 -2.28 10.36
CA GLY A 199 -1.61 -1.82 10.58
C GLY A 199 -1.71 -0.81 11.72
N ASP A 200 -0.62 -0.70 12.49
CA ASP A 200 -0.58 0.25 13.58
C ASP A 200 0.08 1.55 13.14
N CYS A 201 0.37 1.70 11.84
CA CYS A 201 0.83 2.97 11.31
C CYS A 201 -0.20 3.48 10.30
N MET A 203 0.09 4.23 7.14
CA MET A 203 0.81 4.10 5.88
C MET A 203 -0.23 3.75 4.81
N GLY A 204 -0.12 4.38 3.63
CA GLY A 204 -1.15 4.25 2.60
C GLY A 204 -1.42 2.81 2.19
N GLY A 205 -0.38 1.95 2.26
CA GLY A 205 -0.49 0.59 1.82
C GLY A 205 -1.52 -0.23 2.59
N ASN A 206 -1.87 0.22 3.79
CA ASN A 206 -2.86 -0.52 4.56
C ASN A 206 -4.29 -0.27 4.06
N TYR A 207 -4.52 0.71 3.17
CA TYR A 207 -5.85 1.19 2.85
C TYR A 207 -6.28 0.69 1.47
N GLY A 208 -5.35 0.51 0.55
CA GLY A 208 -5.71 0.19 -0.83
C GLY A 208 -6.46 -1.12 -0.92
N SER A 209 -6.06 -2.05 -0.06
CA SER A 209 -6.58 -3.40 -0.04
C SER A 209 -7.98 -3.45 0.59
N SER A 210 -8.46 -2.33 1.17
CA SER A 210 -9.75 -2.29 1.83
C SER A 210 -10.92 -1.93 0.91
N LEU A 211 -10.64 -1.30 -0.24
CA LEU A 211 -11.68 -0.74 -1.09
C LEU A 211 -12.63 -1.84 -1.55
N PHE A 212 -12.11 -3.04 -1.83
CA PHE A 212 -12.90 -4.15 -2.37
C PHE A 212 -13.92 -4.61 -1.30
N ALA A 213 -13.49 -4.66 -0.03
CA ALA A 213 -14.38 -5.06 1.06
C ALA A 213 -15.46 -4.00 1.27
N GLN A 214 -15.09 -2.70 1.18
CA GLN A 214 -16.03 -1.59 1.31
C GLN A 214 -17.14 -1.68 0.25
N CYS A 215 -16.73 -1.91 -1.02
CA CYS A 215 -17.70 -2.02 -2.12
C CYS A 215 -18.66 -3.16 -1.82
N GLU A 216 -18.12 -4.30 -1.34
CA GLU A 216 -18.95 -5.44 -1.00
C GLU A 216 -19.92 -5.05 0.13
N ALA A 217 -19.44 -4.22 1.06
CA ALA A 217 -20.27 -3.69 2.13
C ALA A 217 -21.46 -2.94 1.54
N VAL A 218 -21.19 -1.93 0.72
CA VAL A 218 -22.28 -1.15 0.14
C VAL A 218 -23.21 -2.07 -0.66
N ASP A 219 -22.70 -3.07 -1.38
CA ASP A 219 -23.54 -3.96 -2.16
C ASP A 219 -24.56 -4.70 -1.29
N ASN A 220 -24.21 -4.92 -0.01
CA ASN A 220 -25.16 -5.56 0.89
C ASN A 220 -25.87 -4.52 1.76
N GLY A 221 -25.79 -3.24 1.39
CA GLY A 221 -26.51 -2.17 2.05
C GLY A 221 -25.98 -1.81 3.42
N CYS A 222 -24.67 -2.05 3.67
CA CYS A 222 -24.00 -1.57 4.86
C CYS A 222 -23.22 -0.31 4.49
N GLN A 223 -22.86 0.49 5.49
CA GLN A 223 -22.09 1.70 5.23
C GLN A 223 -20.60 1.46 5.53
N GLN A 224 -20.23 0.40 6.28
CA GLN A 224 -18.83 0.21 6.65
C GLN A 224 -18.50 -1.24 6.93
N VAL A 225 -17.18 -1.49 6.98
CA VAL A 225 -16.67 -2.82 7.18
C VAL A 225 -16.31 -2.96 8.65
N LEU A 226 -16.74 -4.06 9.23
CA LEU A 226 -16.28 -4.49 10.53
C LEU A 226 -15.11 -5.44 10.31
N TRP A 227 -13.91 -5.00 10.72
CA TRP A 227 -12.70 -5.77 10.46
C TRP A 227 -12.53 -6.89 11.47
N LEU A 228 -12.61 -8.12 11.02
CA LEU A 228 -12.41 -9.25 11.92
C LEU A 228 -10.99 -9.85 11.77
N TYR A 229 -10.49 -10.42 12.87
CA TYR A 229 -9.17 -11.02 12.92
C TYR A 229 -9.17 -12.32 13.71
N GLY A 230 -8.56 -13.37 13.16
CA GLY A 230 -8.18 -14.55 13.93
C GLY A 230 -9.22 -15.65 13.89
N GLU A 231 -8.85 -16.81 14.41
CA GLU A 231 -9.75 -17.95 14.48
C GLU A 231 -11.00 -17.65 15.32
N ASP A 232 -10.91 -16.75 16.29
CA ASP A 232 -12.05 -16.48 17.14
C ASP A 232 -12.78 -15.16 16.76
N HIS A 233 -12.45 -14.57 15.60
CA HIS A 233 -13.21 -13.46 15.05
C HIS A 233 -13.27 -12.31 16.04
N GLN A 234 -12.09 -11.86 16.44
CA GLN A 234 -11.98 -10.62 17.19
C GLN A 234 -12.46 -9.46 16.34
N ILE A 235 -13.18 -8.54 16.96
CA ILE A 235 -13.62 -7.35 16.30
C ILE A 235 -12.55 -6.31 16.60
N THR A 236 -11.99 -5.65 15.56
CA THR A 236 -10.80 -4.83 15.74
C THR A 236 -11.12 -3.37 15.49
N GLU A 237 -11.61 -3.09 14.30
CA GLU A 237 -11.84 -1.73 13.84
C GLU A 237 -13.08 -1.68 12.96
N VAL A 238 -13.56 -0.46 12.72
CA VAL A 238 -14.75 -0.24 11.93
C VAL A 238 -14.36 0.75 10.85
N GLY A 239 -14.35 0.28 9.59
CA GLY A 239 -13.79 1.11 8.55
C GLY A 239 -12.37 1.60 8.88
N THR A 240 -12.21 2.94 8.94
CA THR A 240 -10.98 3.61 9.35
C THR A 240 -11.20 4.29 10.70
N MET A 241 -11.84 3.55 11.61
CA MET A 241 -12.24 4.05 12.91
C MET A 241 -11.93 3.00 13.97
N ASN A 242 -11.52 3.49 15.14
CA ASN A 242 -11.41 2.60 16.28
C ASN A 242 -12.81 2.26 16.76
N LEU A 243 -12.91 1.18 17.52
CA LEU A 243 -14.17 0.57 17.89
C LEU A 243 -14.29 0.52 19.42
N PHE A 244 -15.42 0.99 19.93
CA PHE A 244 -15.73 0.90 21.35
C PHE A 244 -17.02 0.16 21.58
N LEU A 245 -17.04 -0.63 22.67
CA LEU A 245 -18.22 -1.33 23.15
C LEU A 245 -18.51 -0.88 24.59
N TYR A 246 -19.71 -0.39 24.84
CA TYR A 246 -20.21 -0.06 26.18
C TYR A 246 -21.25 -1.10 26.56
N TRP A 247 -20.93 -1.89 27.57
CA TRP A 247 -21.72 -3.05 27.88
C TRP A 247 -21.57 -3.38 29.36
N ILE A 248 -22.25 -4.44 29.76
CA ILE A 248 -22.09 -5.12 31.03
C ILE A 248 -21.29 -6.35 30.67
N ASN A 249 -20.07 -6.49 31.25
CA ASN A 249 -19.18 -7.58 30.90
C ASN A 249 -19.61 -8.91 31.54
N GLU A 250 -18.74 -9.92 31.41
CA GLU A 250 -19.02 -11.30 31.80
C GLU A 250 -19.18 -11.47 33.32
N ASP A 251 -18.70 -10.48 34.10
CA ASP A 251 -18.78 -10.47 35.55
C ASP A 251 -19.81 -9.45 36.03
N GLY A 252 -20.68 -8.97 35.14
CA GLY A 252 -21.81 -8.17 35.58
C GLY A 252 -21.38 -6.76 35.92
N GLU A 253 -20.24 -6.28 35.39
CA GLU A 253 -19.86 -4.88 35.56
C GLU A 253 -20.07 -4.05 34.28
N GLU A 254 -20.52 -2.83 34.49
CA GLU A 254 -20.55 -1.81 33.46
C GLU A 254 -19.14 -1.44 32.97
N GLU A 255 -18.93 -1.54 31.64
CA GLU A 255 -17.59 -1.41 31.08
C GLU A 255 -17.62 -0.73 29.70
N LEU A 256 -16.71 0.23 29.49
CA LEU A 256 -16.28 0.70 28.17
C LEU A 256 -15.02 -0.07 27.75
N ALA A 257 -15.13 -0.85 26.68
CA ALA A 257 -14.06 -1.73 26.22
C ALA A 257 -13.65 -1.36 24.79
N THR A 258 -12.36 -1.54 24.45
CA THR A 258 -11.87 -1.32 23.10
C THR A 258 -10.70 -2.26 22.89
N PRO A 259 -10.47 -2.79 21.67
CA PRO A 259 -9.30 -3.67 21.47
C PRO A 259 -7.98 -3.02 21.87
N PRO A 260 -7.04 -3.81 22.43
CA PRO A 260 -5.72 -3.30 22.88
C PRO A 260 -4.75 -3.04 21.72
N LEU A 261 -3.72 -2.23 21.95
CA LEU A 261 -2.73 -1.96 20.92
C LEU A 261 -1.70 -3.09 20.85
N ASP A 262 -2.05 -4.24 20.26
CA ASP A 262 -1.15 -5.38 20.14
C ASP A 262 -0.55 -5.53 18.72
N GLY A 263 -0.68 -4.51 17.89
CA GLY A 263 -0.05 -4.48 16.58
C GLY A 263 -1.03 -4.27 15.40
N ILE A 264 -2.29 -4.68 15.57
CA ILE A 264 -3.24 -4.66 14.46
C ILE A 264 -4.26 -3.53 14.63
N ILE A 265 -4.08 -2.65 15.64
CA ILE A 265 -5.01 -1.56 15.85
C ILE A 265 -4.25 -0.25 15.68
N LEU A 266 -4.82 0.65 14.88
CA LEU A 266 -4.23 1.96 14.74
C LEU A 266 -4.50 2.79 16.00
N PRO A 267 -3.45 3.37 16.64
CA PRO A 267 -3.65 4.17 17.85
C PRO A 267 -4.26 5.54 17.55
N GLY A 268 -5.60 5.61 17.48
CA GLY A 268 -6.28 6.84 17.14
C GLY A 268 -6.07 7.92 18.21
N VAL A 269 -5.92 9.15 17.79
CA VAL A 269 -6.00 10.28 18.71
C VAL A 269 -7.36 10.34 19.40
N THR A 270 -8.45 9.99 18.68
CA THR A 270 -9.79 10.12 19.22
C THR A 270 -9.99 9.03 20.26
N ARG A 271 -9.50 7.84 19.91
CA ARG A 271 -9.51 6.71 20.81
C ARG A 271 -8.77 7.05 22.11
N ARG A 272 -7.59 7.69 21.98
CA ARG A 272 -6.78 8.09 23.14
C ARG A 272 -7.61 9.04 24.02
N CYS A 273 -8.13 10.13 23.42
CA CYS A 273 -8.91 11.13 24.12
C CYS A 273 -10.10 10.52 24.85
N ILE A 274 -10.77 9.51 24.27
CA ILE A 274 -11.97 8.92 24.84
C ILE A 274 -11.61 8.07 26.04
N LEU A 275 -10.47 7.39 25.96
CA LEU A 275 -9.97 6.58 27.06
C LEU A 275 -9.58 7.48 28.25
N ASP A 276 -8.96 8.63 27.95
CA ASP A 276 -8.53 9.58 28.97
C ASP A 276 -9.74 10.26 29.63
N LEU A 277 -10.77 10.57 28.84
CA LEU A 277 -12.02 11.04 29.40
C LEU A 277 -12.67 9.99 30.30
N ALA A 278 -12.79 8.75 29.81
CA ALA A 278 -13.44 7.71 30.57
C ALA A 278 -12.70 7.39 31.88
N HIS A 279 -11.37 7.45 31.85
CA HIS A 279 -10.57 7.21 33.05
C HIS A 279 -10.83 8.33 34.04
N GLN A 280 -10.79 9.58 33.56
CA GLN A 280 -11.03 10.79 34.34
C GLN A 280 -12.38 10.75 35.05
N TRP A 281 -13.45 10.31 34.37
CA TRP A 281 -14.81 10.39 34.91
C TRP A 281 -14.98 9.40 36.07
N GLY A 282 -14.34 8.24 35.94
CA GLY A 282 -14.31 7.28 37.02
C GLY A 282 -15.67 6.62 37.26
N GLU A 283 -16.54 6.54 36.25
CA GLU A 283 -17.90 6.09 36.51
C GLU A 283 -18.12 4.61 36.19
N PHE A 284 -17.19 3.96 35.47
CA PHE A 284 -17.37 2.57 35.04
C PHE A 284 -15.97 2.03 34.72
N LYS A 285 -15.84 0.71 34.64
CA LYS A 285 -14.59 0.06 34.26
C LYS A 285 -14.23 0.42 32.81
N VAL A 286 -12.92 0.67 32.55
CA VAL A 286 -12.40 1.07 31.25
C VAL A 286 -11.39 0.01 30.88
N SER A 287 -11.59 -0.77 29.80
CA SER A 287 -10.80 -1.96 29.53
C SER A 287 -10.29 -1.96 28.08
N GLU A 288 -8.95 -2.00 27.89
CA GLU A 288 -8.39 -2.34 26.60
C GLU A 288 -8.25 -3.85 26.62
N ARG A 289 -9.10 -4.56 25.87
CA ARG A 289 -9.21 -6.02 25.95
C ARG A 289 -9.77 -6.61 24.64
N TYR A 290 -9.60 -7.92 24.44
CA TYR A 290 -10.08 -8.64 23.27
C TYR A 290 -11.60 -8.83 23.37
N LEU A 291 -12.26 -8.65 22.21
CA LEU A 291 -13.70 -8.75 22.01
C LEU A 291 -13.96 -9.57 20.75
N THR A 292 -14.71 -10.67 20.90
CA THR A 292 -15.03 -11.52 19.75
C THR A 292 -16.50 -11.34 19.38
N MET A 293 -16.84 -11.73 18.15
CA MET A 293 -18.24 -11.77 17.75
C MET A 293 -19.04 -12.63 18.73
N ASP A 294 -18.51 -13.76 19.20
CA ASP A 294 -19.22 -14.59 20.15
C ASP A 294 -19.40 -13.92 21.52
N ASP A 295 -18.41 -13.15 22.00
CA ASP A 295 -18.65 -12.31 23.18
C ASP A 295 -19.82 -11.35 22.93
N LEU A 296 -19.87 -10.80 21.71
CA LEU A 296 -20.85 -9.80 21.37
C LEU A 296 -22.25 -10.43 21.30
N THR A 297 -22.39 -11.57 20.61
CA THR A 297 -23.70 -12.17 20.46
C THR A 297 -24.18 -12.79 21.78
N THR A 298 -23.28 -13.38 22.55
CA THR A 298 -23.61 -13.88 23.88
C THR A 298 -24.16 -12.76 24.76
N ALA A 299 -23.50 -11.59 24.75
CA ALA A 299 -23.97 -10.41 25.46
C ALA A 299 -25.31 -9.90 24.90
N LEU A 300 -25.55 -10.01 23.58
CA LEU A 300 -26.82 -9.54 23.04
C LEU A 300 -27.98 -10.41 23.54
N GLU A 301 -27.87 -11.73 23.46
CA GLU A 301 -28.94 -12.59 23.95
C GLU A 301 -28.83 -12.72 25.47
N GLY A 302 -28.41 -11.64 26.15
CA GLY A 302 -28.57 -11.47 27.58
C GLY A 302 -28.80 -10.00 27.91
N ASN A 303 -29.03 -9.19 26.87
CA ASN A 303 -29.34 -7.76 27.01
C ASN A 303 -28.25 -6.99 27.77
N ARG A 304 -26.98 -7.34 27.54
CA ARG A 304 -25.86 -6.72 28.26
C ARG A 304 -25.25 -5.57 27.46
N VAL A 305 -25.57 -5.48 26.17
CA VAL A 305 -24.98 -4.43 25.37
C VAL A 305 -25.77 -3.14 25.48
N ARG A 306 -25.09 -2.02 25.63
CA ARG A 306 -25.72 -0.72 25.64
C ARG A 306 -25.44 0.05 24.35
N GLU A 307 -24.15 0.18 24.00
CA GLU A 307 -23.73 1.03 22.89
C GLU A 307 -22.54 0.36 22.17
N MET A 308 -22.50 0.55 20.84
CA MET A 308 -21.29 0.37 20.05
C MET A 308 -21.08 1.61 19.18
N PHE A 309 -19.83 2.05 19.09
CA PHE A 309 -19.56 3.21 18.28
C PHE A 309 -18.10 3.13 17.80
N GLY A 310 -17.85 3.77 16.66
CA GLY A 310 -16.52 4.01 16.15
C GLY A 310 -16.05 5.42 16.51
N SER A 311 -14.74 5.61 16.48
CA SER A 311 -14.15 6.92 16.74
C SER A 311 -13.11 7.22 15.70
N GLY A 312 -13.02 8.49 15.32
CA GLY A 312 -11.98 8.98 14.44
C GLY A 312 -12.12 10.49 14.28
N THR A 313 -11.13 11.12 13.66
CA THR A 313 -11.06 12.56 13.58
C THR A 313 -12.20 13.09 12.72
N ALA A 314 -12.59 12.33 11.69
CA ALA A 314 -13.62 12.74 10.75
C ALA A 314 -14.98 12.86 11.44
N CYS A 315 -15.47 11.82 12.12
CA CYS A 315 -16.81 11.77 12.72
C CYS A 315 -16.84 11.99 14.24
N VAL A 316 -15.67 11.95 14.88
CA VAL A 316 -15.56 11.99 16.33
C VAL A 316 -16.09 10.67 16.87
N VAL A 317 -17.41 10.49 16.78
CA VAL A 317 -18.07 9.28 17.26
C VAL A 317 -19.12 8.86 16.24
N CYS A 318 -19.28 7.56 16.04
CA CYS A 318 -20.13 7.03 14.98
C CYS A 318 -20.89 5.83 15.52
N PRO A 319 -22.16 5.96 15.99
CA PRO A 319 -22.92 4.81 16.50
C PRO A 319 -23.23 3.68 15.53
N VAL A 320 -23.25 2.48 16.05
CA VAL A 320 -23.50 1.33 15.23
C VAL A 320 -24.83 0.71 15.61
N SER A 321 -25.67 0.40 14.60
CA SER A 321 -27.03 -0.06 14.85
C SER A 321 -27.19 -1.52 14.49
N ASP A 322 -26.36 -2.02 13.56
CA ASP A 322 -26.56 -3.36 13.04
C ASP A 322 -25.24 -3.92 12.50
N ILE A 323 -25.07 -5.25 12.56
CA ILE A 323 -23.95 -5.96 11.96
C ILE A 323 -24.52 -7.10 11.13
N LEU A 324 -24.14 -7.15 9.85
CA LEU A 324 -24.40 -8.33 9.05
C LEU A 324 -23.26 -9.34 9.14
N TYR A 325 -23.58 -10.56 9.59
CA TYR A 325 -22.58 -11.58 9.89
C TYR A 325 -23.21 -12.94 9.65
N LYS A 326 -22.57 -13.77 8.81
CA LYS A 326 -22.99 -15.14 8.56
C LYS A 326 -24.43 -15.21 8.06
N GLY A 327 -24.86 -14.19 7.30
CA GLY A 327 -26.14 -14.18 6.62
C GLY A 327 -27.27 -13.57 7.45
N GLU A 328 -26.98 -13.07 8.66
CA GLU A 328 -27.99 -12.58 9.57
C GLU A 328 -27.73 -11.10 9.87
N THR A 329 -28.81 -10.29 9.97
CA THR A 329 -28.67 -8.93 10.48
C THR A 329 -28.80 -8.99 12.00
N ILE A 330 -27.75 -8.52 12.70
CA ILE A 330 -27.67 -8.53 14.15
C ILE A 330 -27.89 -7.10 14.62
N HIS A 331 -28.99 -6.90 15.34
CA HIS A 331 -29.30 -5.58 15.86
C HIS A 331 -28.45 -5.27 17.08
N ILE A 332 -27.98 -4.02 17.13
CA ILE A 332 -27.20 -3.46 18.22
C ILE A 332 -27.98 -2.27 18.79
N PRO A 333 -28.40 -2.36 20.07
CA PRO A 333 -29.31 -1.37 20.64
C PRO A 333 -28.74 0.00 21.00
N THR A 334 -27.71 0.44 20.27
CA THR A 334 -27.09 1.74 20.54
C THR A 334 -28.11 2.89 20.63
N MET A 335 -28.95 3.06 19.60
CA MET A 335 -29.87 4.19 19.52
C MET A 335 -31.00 4.09 20.55
N GLU A 336 -31.39 2.86 20.91
CA GLU A 336 -32.40 2.64 21.92
C GLU A 336 -31.88 2.84 23.34
N ASN A 337 -30.57 3.14 23.51
CA ASN A 337 -30.01 3.45 24.82
C ASN A 337 -29.45 4.86 24.76
N GLY A 338 -30.06 5.69 23.91
CA GLY A 338 -29.72 7.10 23.99
C GLY A 338 -29.27 7.67 22.66
N PRO A 339 -28.02 7.45 22.19
CA PRO A 339 -26.94 6.79 22.95
C PRO A 339 -26.29 7.78 23.91
N LYS A 340 -26.47 7.54 25.22
CA LYS A 340 -26.09 8.50 26.25
C LYS A 340 -24.56 8.68 26.32
N LEU A 341 -23.78 7.59 26.28
CA LEU A 341 -22.32 7.71 26.36
C LEU A 341 -21.78 8.44 25.13
N ALA A 342 -22.21 7.95 23.97
CA ALA A 342 -21.79 8.51 22.70
C ALA A 342 -21.99 10.01 22.69
N SER A 343 -23.22 10.45 23.07
CA SER A 343 -23.53 11.87 22.98
C SER A 343 -22.69 12.67 23.99
N ARG A 344 -22.49 12.10 25.18
CA ARG A 344 -21.70 12.78 26.21
C ARG A 344 -20.26 13.03 25.74
N ILE A 345 -19.72 12.01 25.05
CA ILE A 345 -18.38 12.08 24.48
C ILE A 345 -18.33 13.13 23.37
N LEU A 346 -19.29 13.08 22.44
CA LEU A 346 -19.30 14.08 21.39
C LEU A 346 -19.35 15.49 21.97
N SER A 347 -20.28 15.74 22.91
CA SER A 347 -20.48 17.08 23.47
C SER A 347 -19.19 17.58 24.10
N LYS A 348 -18.55 16.69 24.86
CA LYS A 348 -17.29 16.98 25.52
C LYS A 348 -16.21 17.38 24.52
N LEU A 349 -15.95 16.47 23.56
CA LEU A 349 -14.87 16.73 22.62
C LEU A 349 -15.18 17.98 21.83
N THR A 350 -16.45 18.15 21.41
CA THR A 350 -16.85 19.34 20.67
C THR A 350 -16.60 20.60 21.52
N ASP A 351 -16.89 20.49 22.82
CA ASP A 351 -16.77 21.63 23.72
C ASP A 351 -15.31 22.07 23.76
N ILE A 352 -14.40 21.11 23.87
CA ILE A 352 -12.99 21.41 23.93
C ILE A 352 -12.54 22.00 22.61
N GLN A 353 -13.06 21.45 21.50
CA GLN A 353 -12.56 21.79 20.18
C GLN A 353 -12.91 23.23 19.84
N TYR A 354 -14.14 23.64 20.19
CA TYR A 354 -14.63 24.97 19.84
C TYR A 354 -14.34 25.97 20.97
N GLY A 355 -13.63 25.54 22.01
CA GLY A 355 -13.18 26.43 23.06
C GLY A 355 -14.29 26.91 23.99
N ARG A 356 -15.41 26.17 24.04
CA ARG A 356 -16.43 26.35 25.06
C ARG A 356 -15.82 26.00 26.42
N GLU A 357 -15.01 24.94 26.44
CA GLU A 357 -14.29 24.52 27.62
C GLU A 357 -12.80 24.61 27.32
N GLU A 358 -12.04 24.95 28.36
CA GLU A 358 -10.66 25.39 28.27
C GLU A 358 -9.78 24.25 28.76
N ARG A 359 -8.88 23.74 27.90
CA ARG A 359 -8.11 22.55 28.24
C ARG A 359 -6.79 22.49 27.47
N ASP A 360 -5.88 21.68 28.00
CA ASP A 360 -4.52 21.57 27.50
C ASP A 360 -4.46 20.82 26.16
N TRP A 361 -5.63 20.40 25.64
CA TRP A 361 -5.72 19.69 24.38
C TRP A 361 -5.68 20.61 23.17
N THR A 362 -5.92 21.92 23.32
CA THR A 362 -5.93 22.77 22.14
C THR A 362 -4.78 23.78 22.15
N ILE A 363 -4.48 24.24 20.95
CA ILE A 363 -3.47 25.25 20.65
C ILE A 363 -4.14 26.32 19.80
N VAL A 364 -3.88 27.61 20.10
CA VAL A 364 -4.53 28.74 19.47
C VAL A 364 -3.64 29.26 18.36
N LEU A 365 -4.23 29.61 17.21
CA LEU A 365 -3.47 30.25 16.15
C LEU A 365 -3.45 31.77 16.38
N VAL B 1 -18.98 5.36 -19.64
CA VAL B 1 -19.55 5.32 -21.03
C VAL B 1 -18.57 4.58 -21.95
N VAL B 2 -17.31 5.02 -22.10
CA VAL B 2 -16.34 4.27 -22.91
C VAL B 2 -15.70 3.19 -22.04
N GLY B 3 -16.08 1.92 -22.32
CA GLY B 3 -15.73 0.74 -21.53
C GLY B 3 -14.27 0.29 -21.68
N THR B 4 -13.69 0.43 -22.89
CA THR B 4 -12.26 0.14 -23.04
C THR B 4 -11.67 1.11 -24.06
N PHE B 5 -10.40 1.45 -23.87
CA PHE B 5 -9.63 2.08 -24.93
C PHE B 5 -9.32 1.05 -26.01
N LYS B 6 -9.00 1.56 -27.22
CA LYS B 6 -8.59 0.72 -28.33
C LYS B 6 -7.25 1.17 -28.91
N ALA B 7 -6.39 0.20 -29.25
CA ALA B 7 -5.10 0.47 -29.86
C ALA B 7 -5.25 1.23 -31.18
N LYS B 8 -6.38 1.01 -31.89
CA LYS B 8 -6.64 1.65 -33.17
C LYS B 8 -6.70 3.15 -32.97
N ASP B 9 -6.98 3.63 -31.74
CA ASP B 9 -7.16 5.05 -31.47
C ASP B 9 -5.88 5.69 -30.98
N LEU B 10 -4.76 4.96 -30.97
CA LEU B 10 -3.55 5.49 -30.38
C LEU B 10 -3.20 6.83 -30.98
N ILE B 11 -2.79 7.77 -30.13
CA ILE B 11 -2.25 9.03 -30.62
C ILE B 11 -0.76 9.05 -30.27
N VAL B 12 0.10 9.27 -31.27
CA VAL B 12 1.54 9.19 -31.09
C VAL B 12 2.19 10.55 -31.24
N THR B 13 2.93 11.00 -30.23
CA THR B 13 3.65 12.26 -30.25
C THR B 13 5.13 11.95 -30.06
N PRO B 14 5.97 11.83 -31.10
CA PRO B 14 7.34 11.39 -30.89
C PRO B 14 8.16 12.48 -30.23
N ALA B 15 9.20 12.08 -29.49
CA ALA B 15 10.13 13.01 -28.91
C ALA B 15 10.91 13.64 -30.05
N GLU B 16 11.35 14.87 -29.83
CA GLU B 16 12.08 15.62 -30.83
C GLU B 16 13.58 15.32 -30.76
N ILE B 17 14.12 15.14 -29.54
CA ILE B 17 15.51 14.81 -29.26
C ILE B 17 15.56 13.42 -28.61
N LEU B 18 16.17 12.44 -29.26
CA LEU B 18 16.26 11.09 -28.69
C LEU B 18 17.49 11.00 -27.77
N LYS B 19 17.38 10.28 -26.67
CA LYS B 19 18.49 10.12 -25.73
C LYS B 19 19.46 9.03 -26.20
N GLU B 20 20.68 9.09 -25.66
CA GLU B 20 21.72 8.10 -25.90
C GLU B 20 21.40 6.82 -25.11
N LYS B 21 21.50 5.67 -25.78
CA LYS B 21 21.29 4.39 -25.14
C LYS B 21 22.45 4.09 -24.20
N PRO B 22 22.19 3.35 -23.11
CA PRO B 22 23.26 3.04 -22.17
C PRO B 22 24.04 1.84 -22.71
N ASP B 23 25.21 1.60 -22.13
CA ASP B 23 25.97 0.38 -22.31
C ASP B 23 25.28 -0.77 -21.55
N PRO B 24 24.93 -1.89 -22.22
CA PRO B 24 24.16 -2.97 -21.59
C PRO B 24 24.87 -3.74 -20.48
N ASN B 25 26.18 -3.54 -20.33
CA ASN B 25 26.95 -4.19 -19.30
C ASN B 25 27.02 -3.34 -18.03
N ASN B 26 26.77 -2.02 -18.11
CA ASN B 26 26.84 -1.20 -16.91
C ASN B 26 25.45 -0.73 -16.41
N LEU B 27 24.41 -1.56 -16.58
CA LEU B 27 23.02 -1.19 -16.32
C LEU B 27 22.57 -1.55 -14.90
N VAL B 28 22.02 -0.60 -14.15
CA VAL B 28 21.37 -0.88 -12.87
C VAL B 28 19.85 -0.97 -13.11
N PHE B 29 19.22 -2.03 -12.58
CA PHE B 29 17.82 -2.33 -12.79
C PHE B 29 16.98 -1.09 -12.49
N GLY B 30 16.17 -0.67 -13.47
CA GLY B 30 15.11 0.29 -13.30
C GLY B 30 15.58 1.74 -13.13
N THR B 31 16.81 2.05 -13.55
CA THR B 31 17.30 3.41 -13.37
C THR B 31 17.28 4.19 -14.68
N VAL B 32 17.36 3.52 -15.84
CA VAL B 32 17.38 4.21 -17.11
C VAL B 32 16.04 3.99 -17.83
N PHE B 33 15.43 5.04 -18.33
CA PHE B 33 14.14 4.91 -19.03
C PHE B 33 14.32 5.35 -20.48
N THR B 34 13.48 4.76 -21.35
CA THR B 34 13.55 5.05 -22.76
C THR B 34 12.89 6.39 -23.11
N ASP B 35 12.77 6.65 -24.40
CA ASP B 35 12.33 7.96 -24.88
C ASP B 35 10.83 8.22 -24.65
N HIS B 36 10.00 7.16 -24.71
CA HIS B 36 8.53 7.31 -24.76
C HIS B 36 7.82 6.47 -23.70
N MET B 37 6.57 6.86 -23.45
CA MET B 37 5.69 6.17 -22.50
C MET B 37 4.29 6.13 -23.09
N LEU B 38 3.47 5.21 -22.56
CA LEU B 38 2.05 5.11 -22.89
C LEU B 38 1.26 5.65 -21.72
N THR B 39 0.23 6.45 -22.00
CA THR B 39 -0.67 6.98 -20.97
C THR B 39 -2.10 6.85 -21.49
N VAL B 40 -2.98 6.45 -20.59
CA VAL B 40 -4.40 6.30 -20.88
C VAL B 40 -5.18 6.76 -19.64
N GLU B 41 -5.99 7.79 -19.79
CA GLU B 41 -6.79 8.32 -18.71
C GLU B 41 -8.16 7.65 -18.68
N TRP B 42 -8.75 7.62 -17.48
CA TRP B 42 -10.11 7.13 -17.28
C TRP B 42 -10.87 8.03 -16.32
N SER B 43 -12.19 8.16 -16.53
CA SER B 43 -13.07 8.75 -15.52
C SER B 43 -14.34 7.92 -15.46
N SER B 44 -15.04 7.96 -14.32
CA SER B 44 -16.31 7.25 -14.23
C SER B 44 -17.37 7.91 -15.11
N GLU B 45 -17.25 9.22 -15.34
CA GLU B 45 -18.25 9.95 -16.10
C GLU B 45 -18.13 9.64 -17.59
N PHE B 46 -16.91 9.47 -18.14
CA PHE B 46 -16.80 9.33 -19.60
C PHE B 46 -16.12 8.04 -20.01
N GLY B 47 -15.57 7.32 -19.03
CA GLY B 47 -14.87 6.07 -19.29
C GLY B 47 -13.43 6.32 -19.70
N TRP B 48 -12.93 5.47 -20.59
CA TRP B 48 -11.57 5.58 -21.09
C TRP B 48 -11.44 6.60 -22.22
N GLU B 49 -10.43 7.45 -22.08
CA GLU B 49 -9.99 8.34 -23.13
C GLU B 49 -9.12 7.57 -24.13
N LYS B 50 -8.71 8.25 -25.19
CA LYS B 50 -7.83 7.61 -26.15
C LYS B 50 -6.43 7.40 -25.59
N PRO B 51 -5.76 6.28 -25.97
CA PRO B 51 -4.39 6.03 -25.51
C PRO B 51 -3.40 6.92 -26.24
N HIS B 52 -2.38 7.42 -25.50
CA HIS B 52 -1.32 8.20 -26.08
C HIS B 52 0.07 7.54 -25.87
N ILE B 53 0.90 7.55 -26.92
CA ILE B 53 2.33 7.31 -26.80
C ILE B 53 2.97 8.67 -26.95
N LYS B 54 3.68 9.10 -25.93
CA LYS B 54 4.29 10.42 -25.95
C LYS B 54 5.62 10.38 -25.23
N PRO B 55 6.40 11.47 -25.25
CA PRO B 55 7.67 11.49 -24.54
C PRO B 55 7.57 11.22 -23.04
N LEU B 56 8.52 10.42 -22.55
CA LEU B 56 8.69 10.29 -21.12
C LEU B 56 8.67 11.68 -20.50
N GLN B 57 7.75 11.88 -19.54
CA GLN B 57 7.53 13.17 -18.90
C GLN B 57 7.05 12.86 -17.48
N ASN B 58 7.15 13.84 -16.57
CA ASN B 58 6.53 13.72 -15.26
C ASN B 58 5.00 13.64 -15.37
N LEU B 59 4.38 12.95 -14.41
CA LEU B 59 2.92 12.93 -14.29
C LEU B 59 2.48 14.21 -13.57
N SER B 60 1.36 14.82 -14.03
CA SER B 60 0.75 15.96 -13.35
C SER B 60 -0.45 15.45 -12.55
N LEU B 61 -0.31 15.22 -11.23
CA LEU B 61 -1.36 14.57 -10.44
C LEU B 61 -1.96 15.55 -9.44
N HIS B 62 -3.27 15.54 -9.33
CA HIS B 62 -3.94 16.20 -8.20
C HIS B 62 -3.34 15.67 -6.89
N PRO B 63 -2.93 16.58 -5.98
CA PRO B 63 -2.34 16.17 -4.71
C PRO B 63 -3.19 15.33 -3.78
N GLY B 64 -4.49 15.30 -4.04
CA GLY B 64 -5.42 14.42 -3.36
C GLY B 64 -5.50 13.01 -3.99
N SER B 65 -4.77 12.77 -5.09
CA SER B 65 -4.88 11.48 -5.79
C SER B 65 -4.81 10.29 -4.84
N SER B 66 -5.74 9.33 -4.97
CA SER B 66 -5.80 8.24 -4.03
C SER B 66 -4.59 7.29 -4.08
N ALA B 67 -3.85 7.25 -5.20
CA ALA B 67 -2.60 6.50 -5.26
C ALA B 67 -1.65 6.96 -4.15
N LEU B 68 -1.66 8.27 -3.88
CA LEU B 68 -0.74 8.86 -2.93
C LEU B 68 -1.17 8.71 -1.47
N HIS B 69 -2.48 8.58 -1.21
CA HIS B 69 -3.02 8.54 0.15
C HIS B 69 -3.31 7.12 0.61
N TYR B 70 -3.89 6.31 -0.29
CA TYR B 70 -4.49 5.04 0.08
C TYR B 70 -4.02 3.90 -0.83
N ALA B 71 -2.87 4.09 -1.47
CA ALA B 71 -2.18 3.08 -2.25
C ALA B 71 -3.13 2.38 -3.23
N VAL B 72 -3.95 3.19 -3.90
CA VAL B 72 -4.82 2.71 -4.96
C VAL B 72 -4.00 2.61 -6.23
N GLU B 73 -3.33 1.45 -6.37
CA GLU B 73 -2.28 1.28 -7.35
C GLU B 73 -1.91 -0.19 -7.51
N LEU B 74 -1.46 -0.53 -8.72
CA LEU B 74 -0.92 -1.84 -9.01
C LEU B 74 0.05 -1.70 -10.17
N PHE B 75 0.83 -2.77 -10.37
CA PHE B 75 1.82 -2.77 -11.45
C PHE B 75 2.02 -4.17 -11.98
N GLU B 76 2.76 -4.23 -13.09
CA GLU B 76 3.19 -5.49 -13.68
C GLU B 76 4.66 -5.34 -14.10
N GLY B 77 5.27 -6.47 -14.46
CA GLY B 77 6.65 -6.58 -14.88
C GLY B 77 6.76 -7.71 -15.91
N LEU B 78 7.12 -7.31 -17.13
CA LEU B 78 7.49 -8.24 -18.17
C LEU B 78 8.59 -7.68 -19.05
N LYS B 79 9.08 -8.50 -19.99
CA LYS B 79 10.32 -8.15 -20.68
C LYS B 79 10.20 -8.43 -22.16
N ALA B 80 10.85 -7.56 -22.95
CA ALA B 80 11.12 -7.83 -24.36
C ALA B 80 12.59 -8.23 -24.57
N PHE B 81 12.79 -9.16 -25.50
CA PHE B 81 14.09 -9.77 -25.78
C PHE B 81 14.41 -9.75 -27.27
N ARG B 82 15.60 -9.24 -27.60
CA ARG B 82 16.11 -9.25 -28.97
C ARG B 82 16.77 -10.61 -29.20
N GLY B 83 16.14 -11.37 -30.08
CA GLY B 83 16.51 -12.74 -30.32
C GLY B 83 17.82 -12.86 -31.10
N VAL B 84 18.30 -14.10 -31.19
CA VAL B 84 19.54 -14.42 -31.89
C VAL B 84 19.34 -14.13 -33.39
N ASP B 85 18.08 -14.17 -33.84
CA ASP B 85 17.69 -13.87 -35.20
C ASP B 85 17.31 -12.41 -35.37
N ASN B 86 17.70 -11.58 -34.38
CA ASN B 86 17.34 -10.18 -34.28
C ASN B 86 15.83 -9.87 -34.23
N LYS B 87 14.94 -10.85 -34.08
CA LYS B 87 13.53 -10.55 -33.89
C LYS B 87 13.23 -10.28 -32.40
N ILE B 88 12.41 -9.25 -32.13
CA ILE B 88 12.02 -8.86 -30.77
C ILE B 88 10.81 -9.68 -30.31
N ARG B 89 10.93 -10.25 -29.11
CA ARG B 89 9.92 -11.12 -28.57
C ARG B 89 9.47 -10.67 -27.18
N LEU B 90 8.17 -10.88 -26.92
CA LEU B 90 7.63 -10.84 -25.56
C LEU B 90 7.46 -12.27 -25.07
N PHE B 91 7.62 -12.48 -23.76
CA PHE B 91 7.46 -13.79 -23.15
C PHE B 91 6.19 -13.85 -22.30
N GLN B 92 5.31 -14.81 -22.61
CA GLN B 92 4.06 -15.06 -21.91
C GLN B 92 3.30 -13.76 -21.56
N PRO B 93 3.20 -12.72 -22.42
CA PRO B 93 2.66 -11.43 -21.97
C PRO B 93 1.17 -11.46 -21.68
N ASN B 94 0.44 -12.42 -22.26
CA ASN B 94 -0.96 -12.60 -21.93
C ASN B 94 -1.13 -13.03 -20.48
N LEU B 95 -0.15 -13.69 -19.84
CA LEU B 95 -0.29 -14.02 -18.42
C LEU B 95 -0.20 -12.75 -17.57
N ASN B 96 0.66 -11.84 -17.98
CA ASN B 96 0.76 -10.57 -17.29
C ASN B 96 -0.52 -9.75 -17.47
N MET B 97 -1.10 -9.71 -18.66
CA MET B 97 -2.38 -9.03 -18.85
C MET B 97 -3.48 -9.60 -17.94
N ASP B 98 -3.58 -10.93 -17.88
CA ASP B 98 -4.54 -11.58 -16.99
C ASP B 98 -4.33 -11.22 -15.52
N ARG B 99 -3.07 -11.20 -15.07
CA ARG B 99 -2.78 -10.92 -13.69
C ARG B 99 -3.04 -9.45 -13.41
N MET B 100 -2.61 -8.55 -14.31
CA MET B 100 -2.97 -7.14 -14.16
C MET B 100 -4.49 -6.91 -14.07
N TYR B 101 -5.27 -7.61 -14.91
CA TYR B 101 -6.72 -7.49 -14.92
C TYR B 101 -7.30 -7.91 -13.56
N ARG B 102 -6.87 -9.06 -13.05
CA ARG B 102 -7.29 -9.56 -11.74
C ARG B 102 -6.93 -8.60 -10.61
N SER B 103 -5.71 -8.06 -10.66
CA SER B 103 -5.30 -7.05 -9.72
C SER B 103 -6.21 -5.82 -9.78
N ALA B 104 -6.49 -5.30 -10.98
CA ALA B 104 -7.38 -4.16 -11.15
C ALA B 104 -8.74 -4.38 -10.46
N VAL B 105 -9.33 -5.56 -10.67
CA VAL B 105 -10.62 -5.86 -10.05
C VAL B 105 -10.51 -5.82 -8.52
N ARG B 106 -9.44 -6.39 -7.95
CA ARG B 106 -9.25 -6.44 -6.50
C ARG B 106 -8.92 -5.06 -5.92
N ALA B 107 -8.38 -4.15 -6.76
CA ALA B 107 -8.07 -2.79 -6.36
C ALA B 107 -9.28 -1.85 -6.45
N THR B 108 -10.32 -2.27 -7.19
CA THR B 108 -11.46 -1.50 -7.63
C THR B 108 -11.08 -0.43 -8.66
N LEU B 109 -9.98 -0.62 -9.41
CA LEU B 109 -9.73 0.14 -10.62
C LEU B 109 -10.55 -0.41 -11.80
N PRO B 110 -10.83 0.43 -12.82
CA PRO B 110 -11.75 0.07 -13.90
C PRO B 110 -11.16 -1.03 -14.77
N VAL B 111 -12.02 -1.89 -15.31
CA VAL B 111 -11.49 -2.91 -16.19
C VAL B 111 -11.15 -2.32 -17.58
N PHE B 112 -10.40 -3.13 -18.35
CA PHE B 112 -9.92 -2.74 -19.69
C PHE B 112 -9.85 -4.00 -20.53
N ASP B 113 -9.78 -3.85 -21.85
CA ASP B 113 -9.62 -4.98 -22.75
C ASP B 113 -8.15 -5.38 -22.79
N LYS B 114 -7.87 -6.59 -22.31
CA LYS B 114 -6.51 -7.12 -22.17
C LYS B 114 -5.82 -7.13 -23.53
N GLU B 115 -6.53 -7.44 -24.61
CA GLU B 115 -5.89 -7.50 -25.92
C GLU B 115 -5.48 -6.11 -26.40
N GLU B 116 -6.31 -5.13 -26.10
CA GLU B 116 -6.03 -3.74 -26.45
C GLU B 116 -4.81 -3.24 -25.71
N LEU B 117 -4.71 -3.52 -24.42
CA LEU B 117 -3.55 -3.06 -23.66
C LEU B 117 -2.29 -3.66 -24.26
N LEU B 118 -2.32 -4.95 -24.53
CA LEU B 118 -1.13 -5.59 -25.03
C LEU B 118 -0.73 -5.01 -26.39
N GLU B 119 -1.72 -4.67 -27.24
CA GLU B 119 -1.40 -4.10 -28.54
C GLU B 119 -0.76 -2.72 -28.37
N CYS B 120 -1.24 -1.90 -27.46
CA CYS B 120 -0.64 -0.61 -27.19
C CYS B 120 0.77 -0.78 -26.65
N ILE B 121 0.99 -1.78 -25.79
CA ILE B 121 2.33 -2.05 -25.28
C ILE B 121 3.26 -2.42 -26.45
N GLN B 122 2.81 -3.33 -27.34
CA GLN B 122 3.57 -3.71 -28.51
C GLN B 122 3.95 -2.51 -29.37
N GLN B 123 3.02 -1.56 -29.53
CA GLN B 123 3.29 -0.37 -30.31
C GLN B 123 4.27 0.55 -29.60
N LEU B 124 4.28 0.56 -28.26
CA LEU B 124 5.23 1.38 -27.54
C LEU B 124 6.64 0.80 -27.70
N VAL B 125 6.76 -0.53 -27.55
CA VAL B 125 8.04 -1.21 -27.67
C VAL B 125 8.58 -1.04 -29.10
N LYS B 126 7.70 -1.12 -30.10
CA LYS B 126 8.10 -0.97 -31.48
C LYS B 126 8.73 0.40 -31.71
N LEU B 127 8.08 1.46 -31.24
CA LEU B 127 8.63 2.79 -31.36
C LEU B 127 10.00 2.87 -30.70
N ASP B 128 10.16 2.26 -29.54
CA ASP B 128 11.39 2.35 -28.75
C ASP B 128 12.23 1.09 -28.97
N GLN B 129 12.10 0.41 -30.12
CA GLN B 129 12.69 -0.91 -30.27
C GLN B 129 14.22 -0.89 -30.21
N GLU B 130 14.88 0.23 -30.57
CA GLU B 130 16.33 0.28 -30.54
C GLU B 130 16.85 0.27 -29.10
N TRP B 131 15.96 0.55 -28.11
CA TRP B 131 16.30 0.38 -26.72
C TRP B 131 16.36 -1.10 -26.28
N VAL B 132 15.79 -2.04 -27.03
CA VAL B 132 15.86 -3.46 -26.69
C VAL B 132 17.31 -3.90 -26.92
N PRO B 133 18.10 -4.21 -25.87
CA PRO B 133 19.56 -4.37 -25.98
C PRO B 133 20.03 -5.38 -27.01
N TYR B 134 21.16 -5.02 -27.65
CA TYR B 134 21.81 -5.93 -28.57
C TYR B 134 22.71 -6.82 -27.72
N SER B 135 22.10 -7.78 -27.02
CA SER B 135 22.83 -8.60 -26.06
C SER B 135 21.92 -9.75 -25.65
N THR B 136 22.53 -10.94 -25.49
CA THR B 136 21.78 -12.10 -25.07
C THR B 136 21.85 -12.22 -23.55
N SER B 137 22.36 -11.22 -22.85
CA SER B 137 22.21 -11.26 -21.40
C SER B 137 21.49 -10.00 -20.88
N ALA B 138 20.82 -9.27 -21.76
CA ALA B 138 20.12 -8.06 -21.38
C ALA B 138 18.78 -8.04 -22.10
N SER B 139 17.92 -7.15 -21.65
CA SER B 139 16.57 -7.12 -22.18
C SER B 139 15.88 -5.79 -21.83
N LEU B 140 14.64 -5.65 -22.30
CA LEU B 140 13.91 -4.41 -22.05
C LEU B 140 12.75 -4.71 -21.10
N TYR B 141 12.82 -4.10 -19.92
CA TYR B 141 11.80 -4.29 -18.89
C TYR B 141 10.65 -3.37 -19.17
N ILE B 142 9.44 -3.92 -19.03
CA ILE B 142 8.19 -3.23 -19.31
C ILE B 142 7.41 -3.16 -18.00
N ARG B 143 7.03 -1.94 -17.60
CA ARG B 143 6.41 -1.64 -16.32
C ARG B 143 5.04 -0.97 -16.57
N PRO B 144 4.00 -1.74 -16.88
CA PRO B 144 2.63 -1.24 -16.84
C PRO B 144 2.25 -0.92 -15.39
N THR B 145 1.59 0.22 -15.20
CA THR B 145 1.29 0.72 -13.87
C THR B 145 -0.10 1.35 -13.97
N PHE B 146 -0.89 1.26 -12.90
CA PHE B 146 -2.29 1.66 -12.92
C PHE B 146 -2.60 2.27 -11.58
N ILE B 147 -2.93 3.57 -11.59
CA ILE B 147 -3.11 4.31 -10.36
C ILE B 147 -4.45 5.01 -10.31
N GLY B 148 -4.99 5.14 -9.08
CA GLY B 148 -6.11 6.03 -8.77
C GLY B 148 -5.67 7.49 -8.72
N THR B 149 -6.42 8.36 -9.40
CA THR B 149 -6.15 9.79 -9.40
C THR B 149 -7.34 10.58 -8.88
N GLU B 150 -8.28 9.89 -8.20
CA GLU B 150 -9.41 10.47 -7.49
C GLU B 150 -8.92 11.64 -6.65
N PRO B 151 -9.39 12.88 -6.88
CA PRO B 151 -8.87 14.02 -6.11
C PRO B 151 -9.48 14.29 -4.74
N SER B 152 -10.50 13.53 -4.37
CA SER B 152 -11.17 13.70 -3.09
C SER B 152 -10.61 12.72 -2.04
N LEU B 153 -10.61 13.14 -0.77
CA LEU B 153 -9.91 12.42 0.30
C LEU B 153 -10.74 11.27 0.87
N GLY B 154 -12.00 11.12 0.51
CA GLY B 154 -12.67 9.92 0.99
C GLY B 154 -11.94 8.63 0.54
N VAL B 155 -11.84 7.63 1.43
CA VAL B 155 -11.41 6.31 1.05
C VAL B 155 -12.54 5.69 0.25
N LYS B 156 -12.37 5.52 -1.07
CA LYS B 156 -13.41 4.87 -1.84
C LYS B 156 -12.93 4.48 -3.24
N LYS B 157 -13.79 3.75 -3.95
CA LYS B 157 -13.54 3.34 -5.32
C LYS B 157 -13.24 4.56 -6.18
N PRO B 158 -12.12 4.59 -6.89
CA PRO B 158 -11.76 5.83 -7.57
C PRO B 158 -12.72 6.14 -8.72
N THR B 159 -12.93 7.45 -8.95
CA THR B 159 -13.72 7.92 -10.09
C THR B 159 -12.83 8.49 -11.21
N LYS B 160 -11.52 8.46 -11.00
CA LYS B 160 -10.52 8.91 -11.97
C LYS B 160 -9.31 8.00 -11.81
N ALA B 161 -8.69 7.63 -12.92
CA ALA B 161 -7.50 6.80 -12.89
C ALA B 161 -6.61 7.07 -14.09
N LEU B 162 -5.38 6.59 -13.98
CA LEU B 162 -4.40 6.62 -15.07
C LEU B 162 -3.65 5.30 -15.17
N LEU B 163 -3.63 4.75 -16.38
CA LEU B 163 -2.86 3.58 -16.77
C LEU B 163 -1.70 4.09 -17.61
N PHE B 164 -0.48 3.72 -17.19
CA PHE B 164 0.72 4.13 -17.93
C PHE B 164 1.73 2.97 -17.98
N VAL B 165 2.60 3.03 -19.00
CA VAL B 165 3.61 2.03 -19.22
C VAL B 165 4.95 2.69 -19.46
N LEU B 166 5.93 2.31 -18.63
CA LEU B 166 7.32 2.70 -18.74
C LEU B 166 8.15 1.55 -19.31
N LEU B 167 9.24 1.91 -20.01
CA LEU B 167 10.24 0.97 -20.50
C LEU B 167 11.61 1.31 -19.91
N SER B 168 12.39 0.28 -19.58
CA SER B 168 13.67 0.43 -18.90
C SER B 168 14.62 -0.72 -19.26
N PRO B 169 15.76 -0.46 -19.94
CA PRO B 169 16.67 -1.53 -20.35
C PRO B 169 17.29 -2.07 -19.08
N VAL B 170 17.46 -3.38 -19.00
CA VAL B 170 18.08 -3.92 -17.81
C VAL B 170 19.09 -4.98 -18.20
N GLY B 171 20.16 -4.99 -17.40
CA GLY B 171 21.38 -5.70 -17.72
C GLY B 171 21.36 -7.07 -17.05
N PRO B 172 22.42 -7.89 -17.29
CA PRO B 172 22.49 -9.27 -16.79
C PRO B 172 22.55 -9.35 -15.26
N PHE B 179 26.80 -16.80 -12.03
CA PHE B 179 25.73 -16.68 -10.98
C PHE B 179 26.29 -16.03 -9.72
N ASN B 180 25.60 -14.98 -9.29
CA ASN B 180 25.99 -14.18 -8.14
C ASN B 180 25.05 -14.52 -6.97
N PRO B 181 25.37 -15.48 -6.06
CA PRO B 181 24.39 -15.93 -5.07
C PRO B 181 24.09 -14.87 -4.01
N VAL B 182 22.91 -15.03 -3.39
CA VAL B 182 22.46 -14.06 -2.42
C VAL B 182 22.43 -14.71 -1.04
N SER B 183 22.65 -13.86 -0.06
CA SER B 183 22.41 -14.19 1.34
C SER B 183 21.12 -13.50 1.81
N LEU B 184 20.36 -14.25 2.63
CA LEU B 184 18.99 -13.91 3.05
C LEU B 184 18.93 -13.65 4.53
N TRP B 185 18.14 -12.63 4.88
CA TRP B 185 17.83 -12.31 6.25
C TRP B 185 16.45 -12.84 6.58
N ALA B 186 16.39 -13.74 7.57
CA ALA B 186 15.15 -14.35 7.98
C ALA B 186 14.82 -14.00 9.43
N ASN B 187 13.86 -13.07 9.58
CA ASN B 187 13.38 -12.65 10.89
C ASN B 187 11.86 -12.76 10.91
N PRO B 188 11.29 -13.68 11.70
CA PRO B 188 9.84 -13.92 11.73
C PRO B 188 8.96 -12.77 12.21
N LYS B 189 9.59 -11.72 12.73
CA LYS B 189 8.94 -10.53 13.20
C LYS B 189 8.23 -9.74 12.09
N TYR B 190 8.67 -9.85 10.84
CA TYR B 190 8.01 -9.20 9.72
C TYR B 190 7.22 -10.24 8.93
N VAL B 191 6.02 -9.83 8.47
CA VAL B 191 5.20 -10.70 7.67
C VAL B 191 4.89 -9.97 6.37
N ARG B 192 5.14 -10.63 5.24
CA ARG B 192 4.96 -10.02 3.94
C ARG B 192 3.47 -9.92 3.61
N ALA B 193 2.74 -11.01 3.85
CA ALA B 193 1.34 -11.13 3.45
C ALA B 193 0.65 -12.14 4.34
N TRP B 194 -0.68 -12.07 4.39
CA TRP B 194 -1.42 -12.94 5.31
C TRP B 194 -2.69 -13.43 4.65
N LYS B 195 -3.18 -14.54 5.16
CA LYS B 195 -4.43 -15.08 4.65
C LYS B 195 -5.53 -14.04 4.91
N GLY B 196 -6.31 -13.76 3.86
CA GLY B 196 -7.35 -12.74 3.85
C GLY B 196 -6.86 -11.37 3.40
N GLY B 197 -5.60 -11.30 2.97
CA GLY B 197 -5.02 -10.07 2.44
C GLY B 197 -4.86 -10.17 0.92
N THR B 198 -3.88 -9.44 0.40
CA THR B 198 -3.75 -9.18 -1.03
C THR B 198 -2.37 -9.61 -1.56
N GLY B 199 -1.65 -10.49 -0.84
CA GLY B 199 -0.30 -10.90 -1.21
C GLY B 199 -0.22 -11.69 -2.52
N ASP B 200 -1.37 -12.16 -2.99
CA ASP B 200 -1.40 -12.88 -4.24
C ASP B 200 -1.66 -11.98 -5.43
N CYS B 201 -1.65 -10.65 -5.24
CA CYS B 201 -1.79 -9.71 -6.35
C CYS B 201 -0.65 -8.72 -6.27
N MET B 203 -0.34 -5.54 -6.04
CA MET B 203 -0.83 -4.24 -5.63
C MET B 203 0.27 -3.55 -4.84
N GLY B 204 0.49 -2.25 -5.06
CA GLY B 204 1.69 -1.62 -4.56
C GLY B 204 1.68 -1.57 -3.03
N GLY B 205 0.46 -1.69 -2.48
CA GLY B 205 0.25 -1.72 -1.04
C GLY B 205 1.07 -2.81 -0.36
N ASN B 206 1.30 -3.93 -1.06
CA ASN B 206 2.06 -5.03 -0.49
C ASN B 206 3.57 -4.76 -0.34
N TYR B 207 4.10 -3.71 -0.96
CA TYR B 207 5.53 -3.56 -1.12
C TYR B 207 6.07 -2.51 -0.13
N GLY B 208 5.31 -1.44 0.11
CA GLY B 208 5.80 -0.35 0.93
C GLY B 208 6.13 -0.76 2.37
N SER B 209 5.42 -1.76 2.88
CA SER B 209 5.59 -2.35 4.19
C SER B 209 6.93 -3.07 4.30
N SER B 210 7.50 -3.48 3.16
CA SER B 210 8.64 -4.38 3.19
C SER B 210 9.96 -3.60 3.26
N LEU B 211 9.93 -2.27 3.06
CA LEU B 211 11.15 -1.51 2.94
C LEU B 211 11.96 -1.56 4.24
N PHE B 212 11.26 -1.62 5.38
CA PHE B 212 11.93 -1.60 6.67
C PHE B 212 12.73 -2.88 6.86
N ALA B 213 12.12 -4.02 6.55
CA ALA B 213 12.81 -5.30 6.63
C ALA B 213 14.01 -5.38 5.69
N GLN B 214 13.86 -4.90 4.46
CA GLN B 214 14.92 -4.91 3.46
C GLN B 214 16.10 -4.08 3.97
N CYS B 215 15.81 -2.99 4.68
CA CYS B 215 16.86 -2.14 5.20
C CYS B 215 17.58 -2.88 6.34
N GLU B 216 16.82 -3.56 7.17
CA GLU B 216 17.39 -4.35 8.23
C GLU B 216 18.23 -5.52 7.67
N ALA B 217 17.77 -6.16 6.58
CA ALA B 217 18.60 -7.15 5.90
C ALA B 217 19.96 -6.56 5.50
N VAL B 218 19.93 -5.41 4.80
CA VAL B 218 21.13 -4.76 4.28
C VAL B 218 22.08 -4.38 5.42
N ASP B 219 21.60 -3.96 6.59
CA ASP B 219 22.57 -3.62 7.62
C ASP B 219 22.96 -4.83 8.46
N ASN B 220 22.45 -6.02 8.14
CA ASN B 220 23.04 -7.24 8.69
C ASN B 220 23.86 -7.92 7.60
N GLY B 221 24.09 -7.20 6.50
CA GLY B 221 24.92 -7.66 5.40
C GLY B 221 24.29 -8.83 4.64
N CYS B 222 22.97 -8.77 4.46
CA CYS B 222 22.28 -9.65 3.53
C CYS B 222 21.82 -8.81 2.35
N GLN B 223 21.47 -9.47 1.25
CA GLN B 223 20.98 -8.79 0.07
C GLN B 223 19.46 -8.79 0.05
N GLN B 224 18.79 -9.80 0.65
CA GLN B 224 17.34 -9.95 0.47
C GLN B 224 16.71 -10.52 1.73
N VAL B 225 15.38 -10.38 1.84
CA VAL B 225 14.58 -10.89 2.94
C VAL B 225 14.01 -12.26 2.56
N LEU B 226 14.11 -13.22 3.48
CA LEU B 226 13.40 -14.48 3.37
C LEU B 226 12.12 -14.30 4.22
N TRP B 227 10.98 -14.31 3.52
CA TRP B 227 9.69 -14.03 4.16
C TRP B 227 9.14 -15.27 4.81
N LEU B 228 8.98 -15.21 6.13
CA LEU B 228 8.50 -16.33 6.94
C LEU B 228 7.05 -16.06 7.35
N TYR B 229 6.28 -17.13 7.48
CA TYR B 229 4.89 -16.99 7.82
C TYR B 229 4.44 -18.08 8.80
N GLY B 230 3.66 -17.63 9.80
CA GLY B 230 2.94 -18.59 10.62
C GLY B 230 3.78 -19.07 11.80
N GLU B 231 3.09 -19.79 12.69
CA GLU B 231 3.68 -20.35 13.90
C GLU B 231 4.87 -21.27 13.58
N ASP B 232 4.80 -21.99 12.45
CA ASP B 232 5.86 -22.93 12.10
C ASP B 232 6.89 -22.34 11.14
N HIS B 233 6.88 -21.01 10.91
CA HIS B 233 7.93 -20.39 10.13
C HIS B 233 8.02 -21.00 8.72
N GLN B 234 6.90 -20.99 8.01
CA GLN B 234 6.88 -21.37 6.60
C GLN B 234 7.80 -20.42 5.85
N ILE B 235 8.59 -20.98 4.91
CA ILE B 235 9.35 -20.18 3.97
C ILE B 235 8.47 -19.88 2.76
N THR B 236 8.30 -18.60 2.39
CA THR B 236 7.25 -18.29 1.43
C THR B 236 7.81 -17.72 0.14
N GLU B 237 8.61 -16.67 0.26
CA GLU B 237 9.14 -15.92 -0.87
C GLU B 237 10.48 -15.32 -0.44
N VAL B 238 11.29 -14.92 -1.44
CA VAL B 238 12.58 -14.24 -1.22
C VAL B 238 12.54 -12.87 -1.87
N GLY B 239 12.63 -11.81 -1.08
CA GLY B 239 12.46 -10.48 -1.66
C GLY B 239 11.14 -10.41 -2.43
N THR B 240 11.22 -10.12 -3.74
CA THR B 240 10.06 -10.11 -4.61
C THR B 240 10.17 -11.24 -5.63
N MET B 241 10.66 -12.41 -5.18
CA MET B 241 10.80 -13.58 -6.02
C MET B 241 10.11 -14.76 -5.37
N ASN B 242 9.60 -15.68 -6.18
CA ASN B 242 9.19 -16.95 -5.61
C ASN B 242 10.38 -17.81 -5.20
N LEU B 243 10.12 -18.82 -4.37
CA LEU B 243 11.14 -19.60 -3.69
C LEU B 243 11.05 -21.04 -4.17
N PHE B 244 12.19 -21.58 -4.57
CA PHE B 244 12.29 -23.00 -4.92
C PHE B 244 13.37 -23.71 -4.09
N LEU B 245 13.08 -24.98 -3.74
CA LEU B 245 14.02 -25.82 -3.00
C LEU B 245 14.15 -27.12 -3.77
N TYR B 246 15.40 -27.47 -4.12
CA TYR B 246 15.73 -28.74 -4.75
C TYR B 246 16.49 -29.58 -3.71
N TRP B 247 15.95 -30.75 -3.38
CA TRP B 247 16.40 -31.47 -2.22
C TRP B 247 15.92 -32.90 -2.35
N ILE B 248 16.44 -33.75 -1.48
CA ILE B 248 15.85 -35.04 -1.15
C ILE B 248 14.89 -34.78 -0.01
N ASN B 249 13.64 -35.17 -0.21
CA ASN B 249 12.58 -34.89 0.73
C ASN B 249 12.58 -35.93 1.84
N GLU B 250 11.56 -35.84 2.70
CA GLU B 250 11.50 -36.61 3.93
C GLU B 250 11.32 -38.08 3.61
N ASP B 251 10.70 -38.39 2.47
CA ASP B 251 10.55 -39.77 2.03
C ASP B 251 11.75 -40.23 1.20
N GLY B 252 12.83 -39.45 1.15
CA GLY B 252 14.01 -39.84 0.40
C GLY B 252 13.83 -39.78 -1.13
N GLU B 253 12.95 -38.91 -1.64
CA GLU B 253 12.81 -38.76 -3.08
C GLU B 253 13.35 -37.40 -3.51
N GLU B 254 14.12 -37.40 -4.60
CA GLU B 254 14.57 -36.18 -5.24
C GLU B 254 13.37 -35.35 -5.64
N GLU B 255 13.36 -34.06 -5.27
CA GLU B 255 12.14 -33.28 -5.37
C GLU B 255 12.48 -31.81 -5.59
N LEU B 256 11.74 -31.15 -6.50
CA LEU B 256 11.74 -29.70 -6.59
C LEU B 256 10.43 -29.24 -5.95
N ALA B 257 10.54 -28.37 -4.95
CA ALA B 257 9.40 -27.98 -4.15
C ALA B 257 9.31 -26.46 -4.11
N THR B 258 8.08 -25.95 -4.06
CA THR B 258 7.84 -24.52 -3.96
C THR B 258 6.52 -24.34 -3.20
N PRO B 259 6.38 -23.30 -2.37
CA PRO B 259 5.11 -23.12 -1.67
C PRO B 259 3.88 -23.10 -2.57
N PRO B 260 2.74 -23.65 -2.11
CA PRO B 260 1.49 -23.60 -2.85
C PRO B 260 0.86 -22.19 -2.88
N LEU B 261 -0.02 -21.98 -3.87
CA LEU B 261 -0.78 -20.75 -4.02
C LEU B 261 -1.98 -20.76 -3.07
N ASP B 262 -1.76 -20.47 -1.80
CA ASP B 262 -2.83 -20.58 -0.81
C ASP B 262 -3.32 -19.19 -0.39
N GLY B 263 -2.89 -18.14 -1.10
CA GLY B 263 -3.30 -16.76 -0.83
C GLY B 263 -2.17 -15.83 -0.39
N ILE B 264 -1.01 -16.37 0.07
CA ILE B 264 0.05 -15.50 0.54
C ILE B 264 1.23 -15.49 -0.44
N ILE B 265 1.09 -16.19 -1.57
CA ILE B 265 2.16 -16.32 -2.55
C ILE B 265 1.69 -15.62 -3.82
N LEU B 266 2.55 -14.78 -4.38
CA LEU B 266 2.27 -14.19 -5.69
C LEU B 266 2.47 -15.24 -6.77
N PRO B 267 1.48 -15.51 -7.65
CA PRO B 267 1.68 -16.51 -8.69
C PRO B 267 2.57 -15.94 -9.79
N GLY B 268 3.90 -16.15 -9.68
CA GLY B 268 4.86 -15.67 -10.66
C GLY B 268 4.68 -16.37 -12.01
N VAL B 269 4.88 -15.60 -13.08
CA VAL B 269 5.00 -16.25 -14.39
C VAL B 269 6.24 -17.15 -14.47
N THR B 270 7.35 -16.74 -13.84
CA THR B 270 8.58 -17.51 -13.83
C THR B 270 8.32 -18.82 -13.08
N ARG B 271 7.69 -18.72 -11.90
CA ARG B 271 7.34 -19.90 -11.13
C ARG B 271 6.55 -20.92 -11.93
N ARG B 272 5.53 -20.44 -12.65
CA ARG B 272 4.68 -21.30 -13.44
C ARG B 272 5.50 -21.97 -14.55
N CYS B 273 6.35 -21.20 -15.18
CA CYS B 273 7.16 -21.74 -16.26
C CYS B 273 8.09 -22.83 -15.76
N ILE B 274 8.68 -22.65 -14.57
CA ILE B 274 9.64 -23.61 -14.00
C ILE B 274 8.94 -24.90 -13.60
N LEU B 275 7.74 -24.77 -13.01
CA LEU B 275 6.94 -25.94 -12.70
C LEU B 275 6.61 -26.69 -13.99
N ASP B 276 6.20 -25.99 -15.06
CA ASP B 276 5.88 -26.63 -16.33
C ASP B 276 7.09 -27.36 -16.92
N LEU B 277 8.28 -26.73 -16.91
CA LEU B 277 9.51 -27.36 -17.38
C LEU B 277 9.83 -28.59 -16.54
N ALA B 278 9.76 -28.44 -15.20
CA ALA B 278 10.08 -29.55 -14.30
C ALA B 278 9.14 -30.73 -14.55
N HIS B 279 7.86 -30.46 -14.75
CA HIS B 279 6.90 -31.54 -14.99
C HIS B 279 7.20 -32.20 -16.33
N GLN B 280 7.54 -31.40 -17.35
CA GLN B 280 7.83 -31.95 -18.66
C GLN B 280 9.08 -32.84 -18.62
N TRP B 281 10.15 -32.41 -17.92
CA TRP B 281 11.35 -33.27 -17.84
C TRP B 281 11.05 -34.61 -17.16
N GLY B 282 10.22 -34.65 -16.11
CA GLY B 282 9.81 -35.90 -15.49
C GLY B 282 10.94 -36.64 -14.76
N GLU B 283 12.03 -35.93 -14.40
CA GLU B 283 13.24 -36.53 -13.87
C GLU B 283 13.20 -36.63 -12.35
N PHE B 284 12.36 -35.84 -11.72
CA PHE B 284 12.22 -35.85 -10.27
C PHE B 284 10.80 -35.41 -9.90
N LYS B 285 10.47 -35.56 -8.65
CA LYS B 285 9.16 -35.20 -8.17
C LYS B 285 9.08 -33.67 -8.16
N VAL B 286 7.90 -33.15 -8.53
CA VAL B 286 7.65 -31.72 -8.45
C VAL B 286 6.48 -31.48 -7.50
N SER B 287 6.67 -30.67 -6.47
CA SER B 287 5.68 -30.57 -5.41
C SER B 287 5.44 -29.09 -5.07
N GLU B 288 4.17 -28.72 -5.03
CA GLU B 288 3.73 -27.46 -4.46
C GLU B 288 3.31 -27.76 -3.03
N ARG B 289 4.06 -27.28 -2.04
CA ARG B 289 3.96 -27.82 -0.69
C ARG B 289 4.58 -26.84 0.28
N TYR B 290 4.12 -26.90 1.53
CA TYR B 290 4.71 -26.14 2.62
C TYR B 290 6.16 -26.56 2.91
N LEU B 291 6.98 -25.57 3.23
CA LEU B 291 8.36 -25.77 3.57
C LEU B 291 8.64 -24.91 4.78
N THR B 292 9.10 -25.51 5.90
CA THR B 292 9.40 -24.73 7.09
C THR B 292 10.90 -24.57 7.32
N MET B 293 11.28 -23.61 8.15
CA MET B 293 12.68 -23.47 8.55
C MET B 293 13.20 -24.76 9.17
N ASP B 294 12.42 -25.46 9.97
CA ASP B 294 12.82 -26.75 10.54
C ASP B 294 12.98 -27.84 9.49
N ASP B 295 12.12 -27.84 8.47
CA ASP B 295 12.29 -28.80 7.39
C ASP B 295 13.63 -28.57 6.71
N LEU B 296 14.00 -27.30 6.50
CA LEU B 296 15.23 -26.90 5.85
C LEU B 296 16.47 -27.25 6.67
N THR B 297 16.47 -26.84 7.96
CA THR B 297 17.64 -27.06 8.80
C THR B 297 17.81 -28.56 9.03
N THR B 298 16.72 -29.34 9.20
CA THR B 298 16.84 -30.80 9.32
C THR B 298 17.48 -31.40 8.06
N ALA B 299 17.04 -30.91 6.90
CA ALA B 299 17.52 -31.42 5.62
C ALA B 299 19.01 -31.12 5.46
N LEU B 300 19.44 -29.92 5.86
CA LEU B 300 20.83 -29.49 5.78
C LEU B 300 21.71 -30.37 6.68
N GLU B 301 21.28 -30.63 7.91
CA GLU B 301 21.98 -31.52 8.84
C GLU B 301 22.13 -32.90 8.21
N GLY B 302 21.16 -33.32 7.41
CA GLY B 302 21.19 -34.61 6.76
C GLY B 302 21.86 -34.59 5.38
N ASN B 303 22.44 -33.46 4.95
CA ASN B 303 23.02 -33.27 3.63
C ASN B 303 22.01 -33.63 2.53
N ARG B 304 20.73 -33.24 2.68
CA ARG B 304 19.73 -33.57 1.68
C ARG B 304 19.39 -32.38 0.77
N VAL B 305 19.92 -31.19 1.04
CA VAL B 305 19.63 -30.02 0.21
C VAL B 305 20.62 -29.91 -0.94
N ARG B 306 20.11 -29.74 -2.17
CA ARG B 306 20.99 -29.52 -3.29
C ARG B 306 21.10 -28.03 -3.61
N GLU B 307 19.94 -27.38 -3.83
CA GLU B 307 19.94 -26.01 -4.30
C GLU B 307 18.72 -25.27 -3.73
N MET B 308 18.86 -23.98 -3.52
CA MET B 308 17.76 -23.10 -3.23
C MET B 308 17.92 -21.91 -4.15
N PHE B 309 16.82 -21.49 -4.80
CA PHE B 309 16.87 -20.32 -5.64
C PHE B 309 15.50 -19.62 -5.70
N GLY B 310 15.57 -18.31 -5.93
CA GLY B 310 14.42 -17.47 -6.21
C GLY B 310 14.18 -17.38 -7.70
N SER B 311 12.92 -17.08 -8.07
CA SER B 311 12.55 -16.88 -9.47
C SER B 311 11.72 -15.63 -9.61
N GLY B 312 11.93 -14.94 -10.73
CA GLY B 312 11.20 -13.74 -11.04
C GLY B 312 11.66 -13.18 -12.37
N THR B 313 10.85 -12.26 -12.93
CA THR B 313 11.09 -11.73 -14.27
C THR B 313 12.49 -11.12 -14.38
N ALA B 314 12.88 -10.30 -13.40
CA ALA B 314 14.11 -9.53 -13.53
C ALA B 314 15.33 -10.47 -13.57
N CYS B 315 15.56 -11.30 -12.53
CA CYS B 315 16.72 -12.18 -12.41
C CYS B 315 16.59 -13.51 -13.18
N VAL B 316 15.36 -14.00 -13.37
CA VAL B 316 15.06 -15.31 -13.91
C VAL B 316 15.18 -16.31 -12.76
N VAL B 317 16.43 -16.58 -12.34
CA VAL B 317 16.69 -17.41 -11.18
C VAL B 317 17.90 -16.82 -10.46
N CYS B 318 17.85 -16.87 -9.13
CA CYS B 318 18.76 -16.19 -8.24
C CYS B 318 19.12 -17.17 -7.12
N PRO B 319 20.25 -17.87 -7.24
CA PRO B 319 20.62 -18.87 -6.26
C PRO B 319 20.89 -18.27 -4.89
N VAL B 320 20.58 -19.08 -3.88
CA VAL B 320 20.77 -18.73 -2.49
C VAL B 320 21.95 -19.52 -1.91
N SER B 321 22.86 -18.78 -1.24
CA SER B 321 24.05 -19.36 -0.62
C SER B 321 24.01 -19.37 0.91
N ASP B 322 23.27 -18.45 1.54
CA ASP B 322 23.25 -18.36 3.00
C ASP B 322 21.96 -17.71 3.52
N ILE B 323 21.54 -18.11 4.74
CA ILE B 323 20.40 -17.54 5.46
C ILE B 323 20.84 -17.21 6.89
N LEU B 324 20.66 -15.95 7.31
CA LEU B 324 20.85 -15.56 8.69
C LEU B 324 19.54 -15.70 9.45
N TYR B 325 19.54 -16.56 10.49
CA TYR B 325 18.35 -16.95 11.22
C TYR B 325 18.69 -17.28 12.67
N LYS B 326 17.96 -16.65 13.61
CA LYS B 326 18.16 -16.83 15.04
C LYS B 326 19.64 -16.63 15.40
N GLY B 327 20.31 -15.65 14.77
CA GLY B 327 21.64 -15.22 15.16
C GLY B 327 22.77 -15.86 14.35
N GLU B 328 22.54 -17.04 13.77
CA GLU B 328 23.58 -17.80 13.08
C GLU B 328 23.42 -17.68 11.56
N THR B 329 24.52 -17.93 10.82
CA THR B 329 24.47 -17.97 9.38
C THR B 329 24.36 -19.42 8.98
N ILE B 330 23.31 -19.77 8.22
CA ILE B 330 23.11 -21.13 7.77
C ILE B 330 23.53 -21.20 6.30
N HIS B 331 24.47 -22.10 6.00
CA HIS B 331 24.99 -22.25 4.65
C HIS B 331 24.09 -23.19 3.87
N ILE B 332 23.78 -22.75 2.67
CA ILE B 332 23.01 -23.53 1.70
C ILE B 332 23.98 -23.93 0.59
N PRO B 333 24.16 -25.23 0.29
CA PRO B 333 25.21 -25.65 -0.63
C PRO B 333 24.87 -25.54 -2.12
N THR B 334 24.06 -24.53 -2.47
CA THR B 334 23.61 -24.35 -3.84
C THR B 334 24.81 -24.34 -4.80
N MET B 335 25.78 -23.44 -4.55
CA MET B 335 26.88 -23.20 -5.48
C MET B 335 27.84 -24.41 -5.51
N GLU B 336 27.92 -25.17 -4.43
CA GLU B 336 28.77 -26.34 -4.42
C GLU B 336 28.10 -27.47 -5.21
N ASN B 337 26.83 -27.32 -5.61
CA ASN B 337 26.13 -28.36 -6.34
C ASN B 337 25.97 -27.94 -7.80
N GLY B 338 26.77 -26.97 -8.24
CA GLY B 338 26.81 -26.55 -9.64
C GLY B 338 26.59 -25.05 -9.78
N PRO B 339 25.37 -24.48 -9.62
CA PRO B 339 24.13 -25.23 -9.39
C PRO B 339 23.49 -25.75 -10.67
N LYS B 340 23.41 -27.08 -10.75
CA LYS B 340 23.11 -27.78 -11.98
C LYS B 340 21.69 -27.44 -12.42
N LEU B 341 20.72 -27.59 -11.51
CA LEU B 341 19.32 -27.39 -11.88
C LEU B 341 19.08 -25.91 -12.18
N ALA B 342 19.54 -25.03 -11.29
CA ALA B 342 19.36 -23.61 -11.55
C ALA B 342 19.96 -23.23 -12.91
N SER B 343 21.16 -23.74 -13.26
CA SER B 343 21.75 -23.38 -14.56
C SER B 343 20.95 -23.96 -15.72
N ARG B 344 20.47 -25.19 -15.59
CA ARG B 344 19.69 -25.76 -16.66
C ARG B 344 18.37 -25.02 -16.90
N ILE B 345 17.74 -24.49 -15.83
CA ILE B 345 16.53 -23.73 -15.94
C ILE B 345 16.86 -22.42 -16.63
N LEU B 346 17.91 -21.73 -16.18
CA LEU B 346 18.21 -20.45 -16.77
C LEU B 346 18.47 -20.60 -18.26
N SER B 347 19.25 -21.61 -18.60
CA SER B 347 19.63 -21.86 -19.96
C SER B 347 18.38 -22.16 -20.81
N LYS B 348 17.44 -22.96 -20.27
CA LYS B 348 16.23 -23.27 -21.02
C LYS B 348 15.36 -22.02 -21.22
N LEU B 349 15.07 -21.31 -20.14
CA LEU B 349 14.22 -20.13 -20.26
C LEU B 349 14.86 -19.11 -21.23
N THR B 350 16.18 -18.86 -21.13
CA THR B 350 16.76 -17.81 -21.96
C THR B 350 16.79 -18.28 -23.43
N ASP B 351 16.95 -19.59 -23.65
CA ASP B 351 16.88 -20.13 -25.01
C ASP B 351 15.52 -19.80 -25.62
N ILE B 352 14.45 -19.99 -24.83
CA ILE B 352 13.11 -19.71 -25.29
C ILE B 352 12.97 -18.19 -25.48
N GLN B 353 13.45 -17.38 -24.54
CA GLN B 353 13.19 -15.95 -24.61
C GLN B 353 13.89 -15.35 -25.84
N TYR B 354 15.09 -15.82 -26.16
CA TYR B 354 15.90 -15.17 -27.21
C TYR B 354 15.82 -15.96 -28.52
N GLY B 355 14.78 -16.79 -28.65
CA GLY B 355 14.45 -17.50 -29.87
C GLY B 355 15.44 -18.61 -30.29
N ARG B 356 16.33 -19.07 -29.40
CA ARG B 356 17.13 -20.24 -29.71
C ARG B 356 16.24 -21.46 -29.88
N GLU B 357 15.15 -21.54 -29.13
CA GLU B 357 14.18 -22.61 -29.26
C GLU B 357 12.82 -21.98 -29.47
N GLU B 358 12.07 -22.44 -30.49
CA GLU B 358 10.78 -21.86 -30.80
C GLU B 358 9.76 -22.60 -29.92
N ARG B 359 9.02 -21.82 -29.13
CA ARG B 359 7.90 -22.30 -28.36
C ARG B 359 6.88 -21.17 -28.24
N ASP B 360 5.62 -21.58 -28.04
CA ASP B 360 4.47 -20.71 -27.98
C ASP B 360 4.40 -19.87 -26.70
N TRP B 361 5.41 -19.96 -25.83
CA TRP B 361 5.55 -19.01 -24.75
C TRP B 361 6.02 -17.64 -25.25
N THR B 362 6.42 -17.51 -26.52
CA THR B 362 6.85 -16.19 -26.96
C THR B 362 5.95 -15.66 -28.06
N ILE B 363 5.96 -14.32 -28.19
CA ILE B 363 5.23 -13.59 -29.21
C ILE B 363 6.26 -12.71 -29.92
N VAL B 364 6.33 -12.78 -31.24
CA VAL B 364 7.20 -11.92 -32.03
C VAL B 364 6.53 -10.56 -32.20
N LEU B 365 7.29 -9.48 -31.97
CA LEU B 365 6.91 -8.11 -32.32
C LEU B 365 6.00 -7.58 -31.23
#